data_8QWC
#
_entry.id   8QWC
#
_cell.length_a   1.00
_cell.length_b   1.00
_cell.length_c   1.00
_cell.angle_alpha   90.00
_cell.angle_beta   90.00
_cell.angle_gamma   90.00
#
_symmetry.space_group_name_H-M   'P 1'
#
loop_
_entity.id
_entity.type
_entity.pdbx_description
1 polymer 'Coproheme decarboxylase'
2 water water
#
_entity_poly.entity_id   1
_entity_poly.type   'polypeptide(L)'
_entity_poly.pdbx_seq_one_letter_code
;GPMAEKLNFEELNSMQRYSQFAVFRAIPGALGSDRAEIVAQAQSFFDGLETAGKVEVRGIYDLAGCRAEADFMIWWIAEE
FEEIQAAFARFRRETVLGQVSEVAWLGNSLHRPAEFNRSHLPSFIMGEIPGDWITVYPFVRSYDWYIMDPQKRRKILAEH
GQAARDFPDVRANTVPAFALGDYEWMLAFEAPRLDRIVDLMHKMRYTEARLHVREETPFFTGRRVSEVSELVNVLPG
;
_entity_poly.pdbx_strand_id   A,B,C,D,E
#
# COMPACT_ATOMS: atom_id res chain seq x y z
N ASN A 13 5.54 -40.94 6.37
CA ASN A 13 5.36 -39.94 5.33
C ASN A 13 4.67 -40.54 4.12
N SER A 14 5.22 -40.26 2.92
CA SER A 14 4.67 -40.75 1.66
C SER A 14 3.20 -40.33 1.50
N MET A 15 2.90 -39.08 1.85
CA MET A 15 1.55 -38.55 1.72
C MET A 15 1.62 -37.15 1.13
N GLN A 16 0.65 -36.83 0.26
CA GLN A 16 0.51 -35.50 -0.32
C GLN A 16 -0.60 -34.77 0.42
N ARG A 17 -0.26 -33.60 0.97
CA ARG A 17 -1.22 -32.81 1.75
C ARG A 17 -1.00 -31.34 1.49
N TYR A 18 -1.92 -30.72 0.78
CA TYR A 18 -1.98 -29.27 0.71
C TYR A 18 -2.59 -28.72 1.99
N SER A 19 -2.04 -27.62 2.47
CA SER A 19 -2.53 -26.96 3.69
C SER A 19 -2.89 -25.53 3.37
N GLN A 20 -3.94 -25.03 4.03
CA GLN A 20 -4.36 -23.66 3.82
C GLN A 20 -4.74 -23.00 5.13
N PHE A 21 -4.25 -21.80 5.34
CA PHE A 21 -4.63 -20.89 6.41
C PHE A 21 -5.47 -19.80 5.79
N ALA A 22 -6.79 -19.95 5.84
CA ALA A 22 -7.70 -18.94 5.30
C ALA A 22 -8.04 -17.95 6.40
N VAL A 23 -7.64 -16.70 6.22
CA VAL A 23 -7.83 -15.64 7.20
C VAL A 23 -8.97 -14.74 6.74
N PHE A 24 -9.94 -14.52 7.61
CA PHE A 24 -11.11 -13.72 7.30
C PHE A 24 -11.24 -12.56 8.27
N ARG A 25 -11.74 -11.45 7.75
CA ARG A 25 -12.04 -10.24 8.51
C ARG A 25 -13.54 -10.01 8.51
N ALA A 26 -14.10 -9.76 9.69
CA ALA A 26 -15.53 -9.57 9.81
C ALA A 26 -15.93 -8.15 9.41
N ILE A 27 -17.02 -8.05 8.64
CA ILE A 27 -17.57 -6.76 8.24
C ILE A 27 -18.48 -6.27 9.36
N PRO A 28 -18.17 -5.14 9.99
CA PRO A 28 -19.04 -4.66 11.08
C PRO A 28 -20.44 -4.33 10.59
N GLY A 29 -21.43 -4.66 11.41
CA GLY A 29 -22.81 -4.37 11.09
C GLY A 29 -23.48 -5.33 10.14
N ALA A 30 -22.78 -6.37 9.69
CA ALA A 30 -23.35 -7.34 8.75
C ALA A 30 -23.78 -8.64 9.41
N LEU A 31 -23.15 -9.01 10.53
CA LEU A 31 -23.49 -10.27 11.18
C LEU A 31 -24.80 -10.20 11.95
N GLY A 32 -25.15 -9.03 12.47
CA GLY A 32 -26.38 -8.89 13.23
C GLY A 32 -26.22 -9.32 14.67
N SER A 33 -27.34 -9.31 15.39
CA SER A 33 -27.35 -9.66 16.80
C SER A 33 -27.93 -11.04 17.08
N ASP A 34 -28.81 -11.55 16.23
CA ASP A 34 -29.34 -12.90 16.37
C ASP A 34 -28.47 -13.83 15.53
N ARG A 35 -27.75 -14.74 16.20
CA ARG A 35 -26.71 -15.52 15.56
C ARG A 35 -26.90 -17.02 15.72
N ALA A 36 -28.02 -17.47 16.28
CA ALA A 36 -28.22 -18.90 16.48
C ALA A 36 -28.29 -19.65 15.16
N GLU A 37 -29.05 -19.11 14.19
CA GLU A 37 -29.18 -19.78 12.91
C GLU A 37 -27.87 -19.75 12.14
N ILE A 38 -27.11 -18.66 12.24
CA ILE A 38 -25.80 -18.60 11.60
C ILE A 38 -24.87 -19.64 12.19
N VAL A 39 -24.88 -19.78 13.52
CA VAL A 39 -24.05 -20.78 14.18
C VAL A 39 -24.43 -22.18 13.71
N ALA A 40 -25.74 -22.46 13.67
CA ALA A 40 -26.19 -23.77 13.24
C ALA A 40 -25.79 -24.08 11.81
N GLN A 41 -25.93 -23.09 10.92
CA GLN A 41 -25.57 -23.30 9.53
C GLN A 41 -24.07 -23.55 9.36
N ALA A 42 -23.24 -22.75 10.05
CA ALA A 42 -21.80 -22.95 9.96
C ALA A 42 -21.39 -24.31 10.52
N GLN A 43 -22.00 -24.70 11.64
CA GLN A 43 -21.69 -26.00 12.23
C GLN A 43 -22.09 -27.13 11.30
N SER A 44 -23.25 -27.01 10.64
CA SER A 44 -23.65 -28.03 9.68
C SER A 44 -22.69 -28.09 8.50
N PHE A 45 -22.22 -26.93 8.05
CA PHE A 45 -21.24 -26.92 6.96
C PHE A 45 -19.96 -27.65 7.36
N PHE A 46 -19.45 -27.38 8.56
CA PHE A 46 -18.22 -28.02 8.98
C PHE A 46 -18.42 -29.51 9.24
N ASP A 47 -19.59 -29.89 9.75
CA ASP A 47 -19.90 -31.31 9.91
C ASP A 47 -19.97 -32.02 8.56
N GLY A 48 -20.55 -31.36 7.55
CA GLY A 48 -20.56 -31.92 6.22
C GLY A 48 -19.17 -32.08 5.64
N LEU A 49 -18.31 -31.09 5.86
CA LEU A 49 -16.92 -31.22 5.44
C LEU A 49 -16.25 -32.41 6.11
N GLU A 50 -16.47 -32.57 7.41
CA GLU A 50 -15.85 -33.68 8.14
C GLU A 50 -16.37 -35.02 7.64
N THR A 51 -17.67 -35.12 7.36
CA THR A 51 -18.24 -36.39 6.93
C THR A 51 -17.93 -36.69 5.47
N ALA A 52 -17.57 -35.68 4.67
CA ALA A 52 -17.19 -35.94 3.28
C ALA A 52 -15.87 -36.68 3.19
N GLY A 53 -14.94 -36.42 4.11
CA GLY A 53 -13.69 -37.15 4.16
C GLY A 53 -12.59 -36.63 3.27
N LYS A 54 -12.81 -35.53 2.54
CA LYS A 54 -11.81 -34.98 1.64
C LYS A 54 -10.98 -33.88 2.28
N VAL A 55 -11.62 -32.92 2.93
CA VAL A 55 -10.94 -31.79 3.56
C VAL A 55 -11.02 -31.96 5.07
N GLU A 56 -9.87 -31.89 5.73
CA GLU A 56 -9.77 -32.03 7.18
C GLU A 56 -9.50 -30.65 7.77
N VAL A 57 -10.49 -30.11 8.48
CA VAL A 57 -10.32 -28.82 9.14
C VAL A 57 -9.49 -29.05 10.39
N ARG A 58 -8.22 -28.63 10.34
CA ARG A 58 -7.34 -28.86 11.48
C ARG A 58 -7.69 -27.95 12.64
N GLY A 59 -8.10 -26.72 12.36
CA GLY A 59 -8.44 -25.83 13.45
C GLY A 59 -9.19 -24.60 12.99
N ILE A 60 -9.88 -23.99 13.95
CA ILE A 60 -10.50 -22.68 13.78
C ILE A 60 -9.99 -21.78 14.89
N TYR A 61 -9.48 -20.61 14.52
CA TYR A 61 -8.71 -19.78 15.43
C TYR A 61 -9.31 -18.37 15.48
N ASP A 62 -9.36 -17.81 16.68
CA ASP A 62 -9.83 -16.45 16.89
C ASP A 62 -8.64 -15.50 16.84
N LEU A 63 -8.65 -14.58 15.88
CA LEU A 63 -7.55 -13.65 15.67
C LEU A 63 -7.85 -12.26 16.21
N ALA A 64 -8.87 -12.12 17.05
CA ALA A 64 -9.24 -10.81 17.56
C ALA A 64 -8.12 -10.27 18.44
N GLY A 65 -7.74 -9.02 18.20
CA GLY A 65 -6.70 -8.36 18.95
C GLY A 65 -5.30 -8.56 18.42
N CYS A 66 -5.10 -9.41 17.42
CA CYS A 66 -3.77 -9.62 16.87
C CYS A 66 -3.38 -8.50 15.91
N ARG A 67 -4.22 -8.20 14.93
CA ARG A 67 -3.95 -7.16 13.97
C ARG A 67 -5.26 -6.57 13.49
N ALA A 68 -5.16 -5.43 12.81
CA ALA A 68 -6.35 -4.65 12.48
C ALA A 68 -7.19 -5.27 11.36
N GLU A 69 -6.58 -6.07 10.48
CA GLU A 69 -7.26 -6.51 9.27
C GLU A 69 -7.66 -7.98 9.31
N ALA A 70 -7.63 -8.63 10.47
CA ALA A 70 -7.97 -10.04 10.56
C ALA A 70 -8.89 -10.27 11.75
N ASP A 71 -9.78 -11.23 11.60
CA ASP A 71 -10.71 -11.54 12.68
C ASP A 71 -10.73 -13.01 13.05
N PHE A 72 -10.59 -13.92 12.09
CA PHE A 72 -10.48 -15.34 12.44
C PHE A 72 -9.77 -16.08 11.32
N MET A 73 -9.51 -17.36 11.59
CA MET A 73 -8.71 -18.18 10.68
C MET A 73 -9.24 -19.59 10.66
N ILE A 74 -9.19 -20.22 9.49
CA ILE A 74 -9.51 -21.64 9.32
C ILE A 74 -8.27 -22.31 8.74
N TRP A 75 -7.75 -23.30 9.46
CA TRP A 75 -6.60 -24.08 9.00
C TRP A 75 -7.14 -25.45 8.60
N TRP A 76 -7.08 -25.74 7.30
CA TRP A 76 -7.57 -27.02 6.81
C TRP A 76 -6.61 -27.61 5.78
N ILE A 77 -6.61 -28.94 5.71
CA ILE A 77 -5.65 -29.69 4.92
C ILE A 77 -6.39 -30.73 4.08
N ALA A 78 -6.01 -30.84 2.81
CA ALA A 78 -6.64 -31.82 1.93
C ALA A 78 -5.60 -32.42 1.00
N GLU A 79 -5.89 -33.61 0.50
CA GLU A 79 -4.94 -34.31 -0.37
C GLU A 79 -4.75 -33.57 -1.70
N GLU A 80 -5.83 -33.06 -2.28
CA GLU A 80 -5.77 -32.33 -3.53
C GLU A 80 -6.12 -30.86 -3.30
N PHE A 81 -5.55 -29.99 -4.12
CA PHE A 81 -5.81 -28.56 -3.96
C PHE A 81 -7.19 -28.17 -4.44
N GLU A 82 -7.74 -28.89 -5.43
CA GLU A 82 -9.09 -28.58 -5.88
C GLU A 82 -10.12 -28.81 -4.79
N GLU A 83 -9.88 -29.77 -3.91
CA GLU A 83 -10.77 -29.97 -2.77
C GLU A 83 -10.75 -28.78 -1.83
N ILE A 84 -9.57 -28.21 -1.59
CA ILE A 84 -9.47 -27.01 -0.78
C ILE A 84 -10.18 -25.85 -1.47
N GLN A 85 -10.01 -25.73 -2.79
CA GLN A 85 -10.72 -24.68 -3.54
C GLN A 85 -12.22 -24.83 -3.39
N ALA A 86 -12.72 -26.06 -3.52
CA ALA A 86 -14.16 -26.30 -3.42
C ALA A 86 -14.67 -25.96 -2.02
N ALA A 87 -13.94 -26.38 -0.99
CA ALA A 87 -14.36 -26.09 0.38
C ALA A 87 -14.33 -24.59 0.66
N PHE A 88 -13.30 -23.89 0.19
CA PHE A 88 -13.19 -22.45 0.41
C PHE A 88 -14.31 -21.69 -0.29
N ALA A 89 -14.54 -22.02 -1.57
CA ALA A 89 -15.61 -21.36 -2.31
C ALA A 89 -16.97 -21.67 -1.70
N ARG A 90 -17.18 -22.92 -1.29
N ARG A 90 -17.19 -22.91 -1.27
N ARG A 90 -17.18 -22.91 -1.28
CA ARG A 90 -18.45 -23.29 -0.66
CA ARG A 90 -18.47 -23.26 -0.66
CA ARG A 90 -18.45 -23.28 -0.66
C ARG A 90 -18.66 -22.54 0.65
C ARG A 90 -18.67 -22.54 0.66
C ARG A 90 -18.66 -22.54 0.66
N PHE A 91 -17.60 -22.37 1.44
CA PHE A 91 -17.70 -21.60 2.67
C PHE A 91 -18.08 -20.15 2.38
N ARG A 92 -17.47 -19.56 1.35
CA ARG A 92 -17.79 -18.18 1.03
C ARG A 92 -19.16 -18.03 0.37
N ARG A 93 -19.72 -19.11 -0.19
CA ARG A 93 -20.94 -19.04 -0.97
C ARG A 93 -22.19 -19.43 -0.18
N GLU A 94 -22.16 -20.58 0.48
CA GLU A 94 -23.37 -21.21 1.00
C GLU A 94 -23.54 -21.07 2.51
N THR A 95 -22.73 -20.24 3.16
CA THR A 95 -22.87 -19.98 4.59
C THR A 95 -22.98 -18.49 4.83
N VAL A 96 -23.82 -18.10 5.78
CA VAL A 96 -23.96 -16.69 6.13
C VAL A 96 -22.66 -16.16 6.72
N LEU A 97 -21.95 -17.00 7.48
CA LEU A 97 -20.68 -16.59 8.06
C LEU A 97 -19.66 -16.25 6.98
N GLY A 98 -19.63 -17.03 5.91
CA GLY A 98 -18.73 -16.72 4.81
C GLY A 98 -19.20 -15.57 3.95
N GLN A 99 -20.49 -15.28 3.97
CA GLN A 99 -21.03 -14.19 3.17
C GLN A 99 -20.84 -12.83 3.82
N VAL A 100 -20.66 -12.78 5.13
CA VAL A 100 -20.50 -11.52 5.86
C VAL A 100 -19.04 -11.30 6.25
N SER A 101 -18.11 -11.95 5.58
CA SER A 101 -16.70 -11.84 5.88
C SER A 101 -15.91 -11.58 4.60
N GLU A 102 -14.79 -10.90 4.73
CA GLU A 102 -13.89 -10.66 3.61
C GLU A 102 -12.62 -11.50 3.79
N VAL A 103 -12.09 -12.02 2.70
CA VAL A 103 -10.84 -12.76 2.77
C VAL A 103 -9.70 -11.76 2.89
N ALA A 104 -8.96 -11.84 3.98
CA ALA A 104 -7.87 -10.91 4.22
C ALA A 104 -6.53 -11.45 3.76
N TRP A 105 -6.31 -12.76 3.89
CA TRP A 105 -5.03 -13.35 3.54
C TRP A 105 -5.20 -14.85 3.42
N LEU A 106 -4.50 -15.44 2.46
CA LEU A 106 -4.54 -16.87 2.22
C LEU A 106 -3.11 -17.41 2.22
N GLY A 107 -2.84 -18.36 3.11
CA GLY A 107 -1.54 -19.00 3.15
C GLY A 107 -1.60 -20.45 2.72
N ASN A 108 -1.08 -20.74 1.53
CA ASN A 108 -1.14 -22.08 0.95
C ASN A 108 0.24 -22.71 0.96
N SER A 109 0.28 -24.02 1.21
CA SER A 109 1.53 -24.76 1.21
C SER A 109 1.26 -26.20 0.82
N LEU A 110 2.31 -26.87 0.35
CA LEU A 110 2.23 -28.25 -0.08
C LEU A 110 3.33 -29.04 0.60
N HIS A 111 2.96 -30.17 1.20
CA HIS A 111 3.91 -31.06 1.86
C HIS A 111 4.13 -32.29 0.98
N ARG A 112 5.38 -32.52 0.61
CA ARG A 112 5.75 -33.67 -0.20
C ARG A 112 6.74 -34.55 0.55
N PRO A 113 6.70 -35.88 0.35
CA PRO A 113 7.69 -36.76 0.97
C PRO A 113 9.11 -36.51 0.46
N SER A 119 13.41 -36.94 7.69
CA SER A 119 14.02 -36.33 8.86
C SER A 119 12.95 -35.80 9.82
N HIS A 120 12.74 -34.50 9.81
CA HIS A 120 11.72 -33.86 10.62
C HIS A 120 10.53 -33.50 9.75
N LEU A 121 9.34 -33.86 10.21
CA LEU A 121 8.10 -33.67 9.47
C LEU A 121 7.22 -32.65 10.16
N PRO A 122 6.31 -32.00 9.42
CA PRO A 122 5.41 -31.03 10.05
C PRO A 122 4.53 -31.68 11.10
N SER A 123 4.14 -30.88 12.10
CA SER A 123 3.35 -31.39 13.20
C SER A 123 2.02 -31.97 12.74
N PHE A 124 1.37 -31.31 11.78
CA PHE A 124 0.10 -31.81 11.29
C PHE A 124 0.24 -33.09 10.49
N ILE A 125 1.42 -33.36 9.94
CA ILE A 125 1.66 -34.65 9.29
C ILE A 125 1.75 -35.75 10.34
N MET A 126 2.41 -35.48 11.47
CA MET A 126 2.51 -36.45 12.55
C MET A 126 1.15 -36.76 13.17
N GLY A 127 0.16 -35.88 12.99
CA GLY A 127 -1.12 -36.09 13.62
C GLY A 127 -1.18 -35.68 15.07
N GLU A 128 -0.27 -34.82 15.51
CA GLU A 128 -0.24 -34.39 16.90
C GLU A 128 -1.47 -33.55 17.22
N ILE A 129 -1.87 -33.56 18.49
CA ILE A 129 -3.02 -32.77 18.92
C ILE A 129 -2.68 -31.29 18.79
N PRO A 130 -3.50 -30.49 18.11
CA PRO A 130 -3.18 -29.07 17.93
C PRO A 130 -3.14 -28.33 19.26
N GLY A 131 -2.24 -27.37 19.34
CA GLY A 131 -2.10 -26.60 20.56
C GLY A 131 -3.17 -25.55 20.70
N ASP A 132 -3.28 -25.01 21.92
CA ASP A 132 -4.28 -24.00 22.20
C ASP A 132 -4.02 -22.72 21.41
N TRP A 133 -2.76 -22.32 21.30
CA TRP A 133 -2.39 -21.08 20.63
C TRP A 133 -1.55 -21.39 19.40
N ILE A 134 -1.76 -20.60 18.34
CA ILE A 134 -1.00 -20.75 17.11
C ILE A 134 -0.51 -19.37 16.66
N THR A 135 0.62 -19.38 15.97
CA THR A 135 1.10 -18.24 15.20
C THR A 135 1.48 -18.74 13.81
N VAL A 136 1.17 -17.93 12.80
CA VAL A 136 1.34 -18.33 11.41
C VAL A 136 1.93 -17.17 10.64
N TYR A 137 2.97 -17.43 9.84
CA TYR A 137 3.49 -16.38 8.97
C TYR A 137 4.15 -16.98 7.75
N PRO A 138 4.16 -16.26 6.64
CA PRO A 138 4.94 -16.69 5.48
C PRO A 138 6.40 -16.29 5.63
N PHE A 139 7.24 -16.93 4.83
CA PHE A 139 8.68 -16.78 4.95
C PHE A 139 9.31 -16.80 3.57
N VAL A 140 10.20 -15.83 3.31
CA VAL A 140 10.92 -15.73 2.06
C VAL A 140 12.41 -15.60 2.39
N ARG A 141 13.21 -16.52 1.87
CA ARG A 141 14.64 -16.49 2.11
C ARG A 141 15.32 -15.48 1.19
N SER A 142 16.60 -15.21 1.48
CA SER A 142 17.38 -14.33 0.63
C SER A 142 17.64 -14.97 -0.72
N TYR A 143 18.03 -14.14 -1.69
CA TYR A 143 18.21 -14.62 -3.05
C TYR A 143 19.33 -15.64 -3.16
N ASP A 144 20.39 -15.49 -2.37
CA ASP A 144 21.56 -16.37 -2.44
C ASP A 144 21.47 -17.54 -1.46
N TRP A 145 20.35 -17.71 -0.79
CA TRP A 145 20.25 -18.76 0.23
C TRP A 145 20.37 -20.15 -0.39
N TYR A 146 19.71 -20.38 -1.53
CA TYR A 146 19.64 -21.73 -2.08
C TYR A 146 20.90 -22.11 -2.84
N ILE A 147 21.59 -21.14 -3.46
CA ILE A 147 22.84 -21.44 -4.15
C ILE A 147 24.06 -21.33 -3.24
N MET A 148 23.84 -21.09 -1.95
CA MET A 148 24.93 -21.10 -0.99
C MET A 148 25.51 -22.50 -0.88
N ASP A 149 26.78 -22.57 -0.50
CA ASP A 149 27.47 -23.85 -0.34
C ASP A 149 26.65 -24.74 0.60
N PRO A 150 26.30 -25.96 0.17
CA PRO A 150 25.45 -26.82 1.02
C PRO A 150 26.03 -27.08 2.39
N GLN A 151 27.35 -27.12 2.53
CA GLN A 151 27.97 -27.24 3.85
C GLN A 151 27.51 -26.11 4.76
N LYS A 152 27.66 -24.87 4.29
CA LYS A 152 27.31 -23.72 5.10
C LYS A 152 25.81 -23.65 5.36
N ARG A 153 25.00 -23.96 4.35
CA ARG A 153 23.56 -23.93 4.53
C ARG A 153 23.11 -24.96 5.55
N ARG A 154 23.67 -26.17 5.50
CA ARG A 154 23.28 -27.20 6.45
C ARG A 154 23.76 -26.88 7.85
N LYS A 155 24.95 -26.27 7.96
CA LYS A 155 25.40 -25.81 9.28
C LYS A 155 24.48 -24.75 9.86
N ILE A 156 24.07 -23.79 9.04
CA ILE A 156 23.19 -22.73 9.50
C ILE A 156 21.84 -23.31 9.92
N LEU A 157 21.30 -24.23 9.12
CA LEU A 157 20.03 -24.86 9.47
C LEU A 157 20.16 -25.70 10.73
N ALA A 158 21.30 -26.37 10.94
CA ALA A 158 21.49 -27.14 12.16
C ALA A 158 21.49 -26.23 13.37
N GLU A 159 22.18 -25.09 13.30
CA GLU A 159 22.16 -24.16 14.41
C GLU A 159 20.75 -23.61 14.65
N HIS A 160 20.04 -23.29 13.57
CA HIS A 160 18.68 -22.77 13.70
C HIS A 160 17.77 -23.78 14.38
N GLY A 161 17.87 -25.05 13.99
CA GLY A 161 17.07 -26.07 14.65
C GLY A 161 17.48 -26.30 16.08
N GLN A 162 18.79 -26.25 16.36
CA GLN A 162 19.27 -26.44 17.73
C GLN A 162 18.80 -25.32 18.64
N ALA A 163 18.55 -24.13 18.09
CA ALA A 163 18.05 -23.03 18.90
C ALA A 163 16.66 -23.29 19.46
N ALA A 164 15.95 -24.30 18.95
CA ALA A 164 14.62 -24.64 19.43
C ALA A 164 14.62 -25.89 20.31
N ARG A 165 15.77 -26.24 20.90
CA ARG A 165 15.85 -27.40 21.76
C ARG A 165 15.19 -27.18 23.12
N ASP A 166 15.10 -25.93 23.57
CA ASP A 166 14.55 -25.62 24.88
C ASP A 166 13.04 -25.42 24.85
N PHE A 167 12.40 -25.63 23.71
CA PHE A 167 10.96 -25.45 23.56
C PHE A 167 10.35 -26.72 22.98
N PRO A 168 10.36 -27.83 23.72
CA PRO A 168 9.70 -29.04 23.23
C PRO A 168 8.18 -28.91 23.18
N ASP A 169 7.60 -27.95 23.90
CA ASP A 169 6.16 -27.77 23.94
C ASP A 169 5.64 -26.99 22.74
N VAL A 170 6.52 -26.41 21.93
CA VAL A 170 6.12 -25.66 20.74
C VAL A 170 6.38 -26.53 19.53
N ARG A 171 5.32 -26.85 18.78
CA ARG A 171 5.43 -27.66 17.58
C ARG A 171 5.50 -26.75 16.36
N ALA A 172 6.42 -27.04 15.46
CA ALA A 172 6.69 -26.20 14.30
C ALA A 172 6.32 -26.91 13.02
N ASN A 173 5.64 -26.19 12.13
CA ASN A 173 5.32 -26.64 10.79
C ASN A 173 6.03 -25.71 9.82
N THR A 174 6.90 -26.28 8.99
CA THR A 174 7.59 -25.55 7.93
C THR A 174 7.27 -26.24 6.62
N VAL A 175 6.42 -25.62 5.80
CA VAL A 175 5.95 -26.28 4.58
C VAL A 175 6.28 -25.43 3.37
N PRO A 176 6.80 -26.02 2.28
CA PRO A 176 7.08 -25.23 1.08
C PRO A 176 5.81 -24.58 0.52
N ALA A 177 5.97 -23.36 0.01
CA ALA A 177 4.83 -22.59 -0.49
C ALA A 177 5.13 -21.97 -1.85
N PHE A 178 6.05 -22.54 -2.61
CA PHE A 178 6.39 -21.97 -3.91
C PHE A 178 5.22 -22.09 -4.88
N ALA A 179 4.98 -21.01 -5.63
CA ALA A 179 3.98 -20.91 -6.69
C ALA A 179 2.54 -20.98 -6.19
N LEU A 180 2.32 -21.09 -4.88
CA LEU A 180 0.98 -21.05 -4.30
C LEU A 180 0.69 -19.70 -3.66
N GLY A 181 1.41 -18.68 -4.07
CA GLY A 181 1.30 -17.36 -3.49
C GLY A 181 2.57 -16.57 -3.74
N ASP A 182 2.73 -15.50 -2.98
CA ASP A 182 3.88 -14.62 -3.12
C ASP A 182 5.09 -15.06 -2.32
N TYR A 183 5.00 -16.20 -1.63
CA TYR A 183 5.98 -16.57 -0.62
C TYR A 183 6.69 -17.86 -1.01
N GLU A 184 7.57 -18.31 -0.14
CA GLU A 184 8.35 -19.53 -0.34
C GLU A 184 8.06 -20.61 0.69
N TRP A 185 7.86 -20.23 1.96
CA TRP A 185 7.56 -21.18 3.01
C TRP A 185 6.43 -20.65 3.87
N MET A 186 5.70 -21.57 4.49
CA MET A 186 4.70 -21.24 5.50
C MET A 186 5.14 -21.83 6.83
N LEU A 187 5.20 -21.00 7.86
CA LEU A 187 5.64 -21.40 9.18
C LEU A 187 4.50 -21.24 10.17
N ALA A 188 4.29 -22.28 10.99
CA ALA A 188 3.22 -22.27 11.97
C ALA A 188 3.73 -22.87 13.27
N PHE A 189 3.56 -22.14 14.37
CA PHE A 189 3.98 -22.58 15.69
C PHE A 189 2.76 -22.79 16.57
N GLU A 190 2.67 -23.96 17.20
CA GLU A 190 1.56 -24.31 18.06
C GLU A 190 2.09 -24.56 19.47
N ALA A 191 1.46 -23.93 20.46
CA ALA A 191 1.90 -24.08 21.83
C ALA A 191 0.70 -24.04 22.76
N PRO A 192 0.79 -24.67 23.93
CA PRO A 192 -0.26 -24.48 24.94
C PRO A 192 -0.31 -23.06 25.49
N ARG A 193 0.81 -22.34 25.49
CA ARG A 193 0.87 -20.99 26.01
C ARG A 193 1.46 -20.07 24.97
N LEU A 194 0.95 -18.84 24.91
CA LEU A 194 1.43 -17.89 23.91
C LEU A 194 2.82 -17.36 24.27
N ASP A 195 3.11 -17.23 25.56
CA ASP A 195 4.42 -16.74 25.97
C ASP A 195 5.53 -17.67 25.52
N ARG A 196 5.24 -18.97 25.42
CA ARG A 196 6.24 -19.89 24.89
C ARG A 196 6.56 -19.58 23.44
N ILE A 197 5.54 -19.26 22.63
CA ILE A 197 5.78 -18.88 21.24
C ILE A 197 6.60 -17.59 21.19
N VAL A 198 6.25 -16.62 22.04
CA VAL A 198 6.99 -15.36 22.05
C VAL A 198 8.45 -15.59 22.40
N ASP A 199 8.70 -16.39 23.44
CA ASP A 199 10.08 -16.70 23.83
C ASP A 199 10.82 -17.45 22.72
N LEU A 200 10.13 -18.38 22.05
CA LEU A 200 10.78 -19.11 20.97
C LEU A 200 11.19 -18.19 19.84
N MET A 201 10.31 -17.27 19.45
CA MET A 201 10.67 -16.32 18.40
C MET A 201 11.84 -15.44 18.83
N HIS A 202 11.80 -14.96 20.08
CA HIS A 202 12.88 -14.11 20.57
C HIS A 202 14.21 -14.83 20.57
N LYS A 203 14.21 -16.11 20.99
CA LYS A 203 15.46 -16.87 21.00
C LYS A 203 15.91 -17.25 19.61
N MET A 204 14.98 -17.48 18.69
CA MET A 204 15.35 -17.76 17.31
C MET A 204 15.89 -16.53 16.61
N ARG A 205 15.65 -15.33 17.15
CA ARG A 205 16.33 -14.14 16.64
C ARG A 205 17.85 -14.25 16.78
N TYR A 206 18.35 -15.05 17.71
CA TYR A 206 19.78 -15.16 17.97
C TYR A 206 20.44 -16.26 17.15
N THR A 207 20.23 -16.24 15.84
CA THR A 207 20.78 -17.27 14.98
C THR A 207 21.31 -16.63 13.70
N GLU A 208 22.27 -17.31 13.07
CA GLU A 208 22.86 -16.79 11.84
C GLU A 208 21.89 -16.82 10.68
N ALA A 209 20.87 -17.68 10.72
CA ALA A 209 19.88 -17.72 9.66
C ALA A 209 19.16 -16.39 9.52
N ARG A 210 19.15 -15.56 10.56
CA ARG A 210 18.55 -14.24 10.47
C ARG A 210 19.23 -13.37 9.42
N LEU A 211 20.45 -13.71 9.01
CA LEU A 211 21.13 -12.97 7.97
C LEU A 211 20.63 -13.32 6.58
N HIS A 212 19.73 -14.30 6.45
CA HIS A 212 19.27 -14.74 5.15
C HIS A 212 17.75 -14.71 5.06
N VAL A 213 17.15 -13.60 5.49
CA VAL A 213 15.71 -13.44 5.53
C VAL A 213 15.33 -12.22 4.71
N ARG A 214 14.32 -12.37 3.85
CA ARG A 214 13.78 -11.26 3.08
C ARG A 214 12.41 -10.83 3.54
N GLU A 215 11.48 -11.76 3.68
CA GLU A 215 10.11 -11.45 4.08
C GLU A 215 9.66 -12.44 5.15
N GLU A 216 9.03 -11.90 6.21
CA GLU A 216 8.48 -12.76 7.25
C GLU A 216 7.12 -12.26 7.75
N THR A 217 6.51 -11.29 7.10
CA THR A 217 5.25 -10.71 7.50
C THR A 217 4.19 -11.00 6.45
N PRO A 218 2.89 -10.95 6.82
CA PRO A 218 2.31 -10.62 8.12
C PRO A 218 2.22 -11.81 9.08
N PHE A 219 2.14 -11.52 10.37
CA PHE A 219 1.94 -12.54 11.40
C PHE A 219 0.46 -12.66 11.73
N PHE A 220 0.02 -13.86 12.07
CA PHE A 220 -1.35 -14.11 12.49
C PHE A 220 -1.31 -14.98 13.73
N THR A 221 -1.69 -14.41 14.87
CA THR A 221 -1.66 -15.09 16.16
C THR A 221 -3.08 -15.32 16.65
N GLY A 222 -3.40 -16.56 17.00
CA GLY A 222 -4.78 -16.87 17.36
C GLY A 222 -4.89 -17.96 18.39
N ARG A 223 -6.09 -18.05 18.95
CA ARG A 223 -6.44 -19.03 19.97
C ARG A 223 -7.41 -20.04 19.38
N ARG A 224 -7.13 -21.32 19.56
CA ARG A 224 -7.97 -22.35 18.98
C ARG A 224 -9.29 -22.44 19.74
N VAL A 225 -10.39 -22.41 19.00
CA VAL A 225 -11.73 -22.52 19.57
C VAL A 225 -12.22 -23.94 19.38
N SER A 226 -13.02 -24.42 20.33
CA SER A 226 -13.51 -25.79 20.28
C SER A 226 -14.58 -25.97 19.21
N GLU A 227 -15.46 -24.99 19.07
CA GLU A 227 -16.54 -25.06 18.10
C GLU A 227 -16.77 -23.69 17.49
N VAL A 228 -17.44 -23.68 16.34
CA VAL A 228 -17.65 -22.43 15.61
C VAL A 228 -18.55 -21.47 16.36
N SER A 229 -19.36 -21.96 17.31
CA SER A 229 -20.21 -21.07 18.09
C SER A 229 -19.38 -20.11 18.93
N GLU A 230 -18.29 -20.61 19.52
CA GLU A 230 -17.40 -19.76 20.30
C GLU A 230 -16.85 -18.62 19.46
N LEU A 231 -16.53 -18.89 18.20
CA LEU A 231 -16.02 -17.86 17.31
C LEU A 231 -17.11 -16.88 16.90
N VAL A 232 -18.28 -17.40 16.54
CA VAL A 232 -19.34 -16.54 16.01
C VAL A 232 -19.86 -15.61 17.10
N ASN A 233 -19.94 -16.08 18.34
CA ASN A 233 -20.53 -15.27 19.40
C ASN A 233 -19.67 -14.09 19.81
N VAL A 234 -18.44 -13.99 19.34
CA VAL A 234 -17.58 -12.87 19.70
C VAL A 234 -17.29 -11.94 18.52
N LEU A 235 -17.67 -12.31 17.30
CA LEU A 235 -17.38 -11.47 16.16
C LEU A 235 -18.15 -10.15 16.25
N PRO A 236 -17.54 -9.05 15.80
CA PRO A 236 -18.23 -7.76 15.88
C PRO A 236 -19.38 -7.68 14.90
N GLY A 237 -20.32 -6.77 15.19
CA GLY A 237 -21.44 -6.53 14.31
C GLY A 237 -22.63 -7.42 14.60
N ASN B 13 9.41 -18.47 -36.39
CA ASN B 13 8.04 -18.00 -36.57
C ASN B 13 8.02 -16.52 -36.92
N SER B 14 6.89 -16.07 -37.46
CA SER B 14 6.67 -14.66 -37.79
C SER B 14 5.31 -14.21 -37.28
N MET B 15 4.94 -14.65 -36.09
CA MET B 15 3.64 -14.34 -35.51
C MET B 15 3.81 -13.27 -34.44
N GLN B 16 3.08 -12.16 -34.60
CA GLN B 16 3.02 -11.12 -33.59
C GLN B 16 1.74 -11.30 -32.78
N ARG B 17 1.88 -11.55 -31.48
CA ARG B 17 0.73 -11.88 -30.63
C ARG B 17 0.88 -11.18 -29.30
N TYR B 18 -0.05 -10.28 -29.00
CA TYR B 18 -0.19 -9.75 -27.65
C TYR B 18 -0.97 -10.75 -26.81
N SER B 19 -0.55 -10.90 -25.55
CA SER B 19 -1.19 -11.81 -24.62
C SER B 19 -1.61 -11.04 -23.37
N GLN B 20 -2.74 -11.44 -22.79
CA GLN B 20 -3.23 -10.76 -21.60
C GLN B 20 -3.80 -11.77 -20.61
N PHE B 21 -3.40 -11.59 -19.34
CA PHE B 21 -3.95 -12.31 -18.20
C PHE B 21 -4.79 -11.31 -17.43
N ALA B 22 -6.10 -11.30 -17.68
CA ALA B 22 -7.01 -10.39 -16.99
C ALA B 22 -7.54 -11.08 -15.75
N VAL B 23 -7.17 -10.56 -14.58
CA VAL B 23 -7.54 -11.15 -13.30
C VAL B 23 -8.66 -10.33 -12.70
N PHE B 24 -9.75 -11.01 -12.31
CA PHE B 24 -10.91 -10.35 -11.75
C PHE B 24 -11.23 -10.90 -10.36
N ARG B 25 -11.71 -10.01 -9.51
CA ARG B 25 -12.17 -10.32 -8.17
C ARG B 25 -13.68 -10.14 -8.10
N ALA B 26 -14.37 -11.13 -7.54
CA ALA B 26 -15.82 -11.08 -7.46
C ALA B 26 -16.26 -10.23 -6.28
N ILE B 27 -17.26 -9.38 -6.52
CA ILE B 27 -17.84 -8.54 -5.48
C ILE B 27 -18.91 -9.37 -4.76
N PRO B 28 -18.76 -9.61 -3.46
CA PRO B 28 -19.78 -10.38 -2.74
C PRO B 28 -21.12 -9.66 -2.73
N GLY B 29 -22.20 -10.43 -2.84
CA GLY B 29 -23.53 -9.89 -2.81
C GLY B 29 -24.03 -9.33 -4.13
N ALA B 30 -23.25 -9.42 -5.20
CA ALA B 30 -23.64 -8.85 -6.49
C ALA B 30 -24.09 -9.90 -7.49
N LEU B 31 -23.58 -11.12 -7.41
CA LEU B 31 -23.94 -12.15 -8.39
C LEU B 31 -25.34 -12.69 -8.14
N GLY B 32 -25.74 -12.84 -6.88
CA GLY B 32 -27.02 -13.41 -6.57
C GLY B 32 -27.01 -14.92 -6.61
N SER B 33 -28.20 -15.51 -6.52
CA SER B 33 -28.36 -16.95 -6.50
C SER B 33 -28.86 -17.54 -7.82
N ASP B 34 -29.57 -16.76 -8.63
CA ASP B 34 -30.03 -17.21 -9.93
C ASP B 34 -28.99 -16.80 -10.97
N ARG B 35 -28.29 -17.78 -11.54
CA ARG B 35 -27.14 -17.52 -12.39
C ARG B 35 -27.25 -18.12 -13.77
N ALA B 36 -28.40 -18.70 -14.13
CA ALA B 36 -28.54 -19.32 -15.43
C ALA B 36 -28.43 -18.30 -16.55
N GLU B 37 -29.10 -17.16 -16.41
CA GLU B 37 -29.06 -16.12 -17.45
C GLU B 37 -27.67 -15.50 -17.54
N ILE B 38 -27.00 -15.32 -16.39
CA ILE B 38 -25.63 -14.79 -16.40
C ILE B 38 -24.70 -15.76 -17.13
N VAL B 39 -24.84 -17.05 -16.85
CA VAL B 39 -24.03 -18.06 -17.52
C VAL B 39 -24.27 -18.03 -19.02
N ALA B 40 -25.54 -17.97 -19.42
CA ALA B 40 -25.86 -17.97 -20.84
C ALA B 40 -25.30 -16.73 -21.53
N GLN B 41 -25.40 -15.56 -20.87
CA GLN B 41 -24.88 -14.34 -21.47
C GLN B 41 -23.36 -14.38 -21.61
N ALA B 42 -22.66 -14.86 -20.58
CA ALA B 42 -21.21 -14.96 -20.66
C ALA B 42 -20.78 -15.96 -21.74
N GLN B 43 -21.48 -17.08 -21.83
CA GLN B 43 -21.16 -18.06 -22.87
C GLN B 43 -21.40 -17.48 -24.26
N SER B 44 -22.48 -16.72 -24.42
CA SER B 44 -22.72 -16.06 -25.71
C SER B 44 -21.62 -15.06 -26.04
N PHE B 45 -21.15 -14.32 -25.04
CA PHE B 45 -20.06 -13.38 -25.27
C PHE B 45 -18.81 -14.09 -25.73
N PHE B 46 -18.44 -15.19 -25.07
CA PHE B 46 -17.22 -15.90 -25.44
C PHE B 46 -17.37 -16.59 -26.79
N ASP B 47 -18.57 -17.10 -27.09
CA ASP B 47 -18.81 -17.67 -28.41
C ASP B 47 -18.70 -16.62 -29.51
N GLY B 48 -19.19 -15.41 -29.24
CA GLY B 48 -19.04 -14.33 -30.19
C GLY B 48 -17.58 -13.95 -30.40
N LEU B 49 -16.81 -13.92 -29.31
CA LEU B 49 -15.37 -13.66 -29.44
C LEU B 49 -14.71 -14.71 -30.31
N GLU B 50 -15.05 -15.98 -30.08
CA GLU B 50 -14.45 -17.05 -30.87
C GLU B 50 -14.85 -16.95 -32.33
N THR B 51 -16.12 -16.62 -32.60
CA THR B 51 -16.59 -16.51 -33.97
C THR B 51 -15.94 -15.35 -34.71
N ALA B 52 -15.76 -14.20 -34.04
CA ALA B 52 -15.19 -13.03 -34.70
C ALA B 52 -13.79 -13.31 -35.22
N GLY B 53 -13.03 -14.17 -34.55
CA GLY B 53 -11.74 -14.60 -35.05
C GLY B 53 -10.58 -13.67 -34.77
N LYS B 54 -10.79 -12.59 -34.01
CA LYS B 54 -9.72 -11.66 -33.69
C LYS B 54 -9.02 -11.98 -32.38
N VAL B 55 -9.78 -12.20 -31.31
CA VAL B 55 -9.23 -12.50 -30.00
C VAL B 55 -9.46 -13.97 -29.70
N GLU B 56 -8.39 -14.67 -29.34
CA GLU B 56 -8.45 -16.09 -29.01
C GLU B 56 -8.33 -16.22 -27.50
N VAL B 57 -9.39 -16.70 -26.85
CA VAL B 57 -9.37 -16.93 -25.42
C VAL B 57 -8.65 -18.26 -25.18
N ARG B 58 -7.42 -18.18 -24.67
CA ARG B 58 -6.65 -19.39 -24.46
C ARG B 58 -7.17 -20.18 -23.27
N GLY B 59 -7.62 -19.49 -22.22
CA GLY B 59 -8.11 -20.22 -21.07
C GLY B 59 -8.89 -19.35 -20.12
N ILE B 60 -9.74 -20.01 -19.33
CA ILE B 60 -10.42 -19.39 -18.19
C ILE B 60 -10.06 -20.20 -16.95
N TYR B 61 -9.63 -19.51 -15.91
CA TYR B 61 -9.02 -20.14 -14.76
C TYR B 61 -9.72 -19.70 -13.48
N ASP B 62 -10.06 -20.68 -12.65
CA ASP B 62 -10.55 -20.42 -11.30
C ASP B 62 -9.36 -20.19 -10.37
N LEU B 63 -9.36 -19.06 -9.68
CA LEU B 63 -8.27 -18.66 -8.80
C LEU B 63 -8.67 -18.70 -7.33
N ALA B 64 -9.80 -19.33 -7.00
CA ALA B 64 -10.27 -19.35 -5.63
C ALA B 64 -9.28 -20.07 -4.74
N GLY B 65 -8.96 -19.46 -3.60
CA GLY B 65 -8.04 -20.03 -2.65
C GLY B 65 -6.59 -19.69 -2.87
N CYS B 66 -6.25 -19.02 -3.98
CA CYS B 66 -4.86 -18.67 -4.23
C CYS B 66 -4.45 -17.43 -3.43
N ARG B 67 -5.21 -16.36 -3.55
CA ARG B 67 -4.91 -15.12 -2.84
C ARG B 67 -6.21 -14.38 -2.54
N ALA B 68 -6.11 -13.37 -1.69
CA ALA B 68 -7.29 -12.72 -1.17
C ALA B 68 -7.99 -11.85 -2.20
N GLU B 69 -7.25 -11.26 -3.13
CA GLU B 69 -7.78 -10.22 -4.00
C GLU B 69 -8.07 -10.70 -5.42
N ALA B 70 -8.12 -12.02 -5.64
CA ALA B 70 -8.37 -12.55 -6.97
C ALA B 70 -9.38 -13.66 -6.90
N ASP B 71 -10.21 -13.76 -7.92
CA ASP B 71 -11.22 -14.82 -7.97
C ASP B 71 -11.19 -15.63 -9.25
N PHE B 72 -10.92 -15.02 -10.39
CA PHE B 72 -10.77 -15.78 -11.62
C PHE B 72 -9.90 -15.01 -12.60
N MET B 73 -9.59 -15.65 -13.72
CA MET B 73 -8.67 -15.05 -14.68
C MET B 73 -9.00 -15.52 -16.08
N ILE B 74 -8.85 -14.62 -17.04
CA ILE B 74 -9.02 -14.92 -18.46
C ILE B 74 -7.70 -14.68 -19.16
N TRP B 75 -7.20 -15.71 -19.84
CA TRP B 75 -5.97 -15.61 -20.61
C TRP B 75 -6.37 -15.62 -22.08
N TRP B 76 -6.16 -14.48 -22.75
CA TRP B 76 -6.51 -14.38 -24.17
C TRP B 76 -5.43 -13.66 -24.95
N ILE B 77 -5.32 -14.01 -26.23
CA ILE B 77 -4.24 -13.58 -27.10
C ILE B 77 -4.84 -13.05 -28.40
N ALA B 78 -4.30 -11.93 -28.89
CA ALA B 78 -4.78 -11.36 -30.14
C ALA B 78 -3.60 -10.74 -30.89
N GLU B 79 -3.76 -10.62 -32.21
CA GLU B 79 -2.69 -10.08 -33.03
C GLU B 79 -2.41 -8.61 -32.74
N GLU B 80 -3.46 -7.81 -32.55
CA GLU B 80 -3.32 -6.40 -32.24
C GLU B 80 -3.79 -6.13 -30.82
N PHE B 81 -3.19 -5.11 -30.19
CA PHE B 81 -3.55 -4.81 -28.81
C PHE B 81 -4.91 -4.13 -28.72
N GLU B 82 -5.30 -3.37 -29.75
CA GLU B 82 -6.61 -2.73 -29.72
C GLU B 82 -7.73 -3.75 -29.69
N GLU B 83 -7.52 -4.91 -30.31
CA GLU B 83 -8.53 -5.98 -30.24
C GLU B 83 -8.68 -6.50 -28.81
N ILE B 84 -7.56 -6.66 -28.09
CA ILE B 84 -7.62 -7.04 -26.69
C ILE B 84 -8.32 -5.97 -25.87
N GLN B 85 -8.03 -4.70 -26.16
CA GLN B 85 -8.71 -3.60 -25.46
C GLN B 85 -10.21 -3.67 -25.69
N ALA B 86 -10.63 -3.88 -26.93
CA ALA B 86 -12.05 -3.94 -27.24
C ALA B 86 -12.72 -5.12 -26.55
N ALA B 87 -12.07 -6.28 -26.57
CA ALA B 87 -12.64 -7.44 -25.91
C ALA B 87 -12.74 -7.25 -24.40
N PHE B 88 -11.71 -6.66 -23.79
CA PHE B 88 -11.72 -6.43 -22.35
C PHE B 88 -12.81 -5.44 -21.96
N ALA B 89 -12.90 -4.32 -22.68
CA ALA B 89 -13.93 -3.32 -22.40
C ALA B 89 -15.32 -3.90 -22.62
N ARG B 90 -15.49 -4.69 -23.69
N ARG B 90 -15.50 -4.70 -23.68
N ARG B 90 -15.49 -4.69 -23.69
CA ARG B 90 -16.79 -5.30 -23.95
CA ARG B 90 -16.81 -5.28 -23.93
CA ARG B 90 -16.79 -5.30 -23.95
C ARG B 90 -17.17 -6.28 -22.86
C ARG B 90 -17.18 -6.29 -22.86
C ARG B 90 -17.17 -6.29 -22.85
N PHE B 91 -16.19 -7.04 -22.35
CA PHE B 91 -16.48 -7.96 -21.26
C PHE B 91 -16.91 -7.19 -20.01
N ARG B 92 -16.24 -6.08 -19.71
CA ARG B 92 -16.63 -5.30 -18.54
C ARG B 92 -17.92 -4.53 -18.74
N ARG B 93 -18.35 -4.32 -19.98
CA ARG B 93 -19.49 -3.46 -20.27
C ARG B 93 -20.78 -4.23 -20.53
N GLU B 94 -20.75 -5.23 -21.40
CA GLU B 94 -21.97 -5.83 -21.93
C GLU B 94 -22.29 -7.20 -21.34
N THR B 95 -21.62 -7.61 -20.27
CA THR B 95 -21.93 -8.86 -19.60
C THR B 95 -22.15 -8.60 -18.12
N VAL B 96 -23.12 -9.33 -17.55
CA VAL B 96 -23.38 -9.19 -16.12
C VAL B 96 -22.19 -9.68 -15.31
N LEU B 97 -21.51 -10.72 -15.81
CA LEU B 97 -20.33 -11.22 -15.11
C LEU B 97 -19.24 -10.16 -15.04
N GLY B 98 -19.05 -9.40 -16.11
CA GLY B 98 -18.06 -8.34 -16.10
C GLY B 98 -18.50 -7.12 -15.30
N GLN B 99 -19.81 -6.95 -15.12
CA GLN B 99 -20.32 -5.81 -14.38
C GLN B 99 -20.28 -6.02 -12.87
N VAL B 100 -20.25 -7.28 -12.41
CA VAL B 100 -20.25 -7.58 -10.99
C VAL B 100 -18.85 -7.99 -10.52
N SER B 101 -17.82 -7.64 -11.28
CA SER B 101 -16.44 -7.99 -10.95
C SER B 101 -15.57 -6.75 -11.01
N GLU B 102 -14.50 -6.77 -10.23
CA GLU B 102 -13.49 -5.71 -10.26
C GLU B 102 -12.23 -6.25 -10.92
N VAL B 103 -11.54 -5.39 -11.67
CA VAL B 103 -10.25 -5.79 -12.24
C VAL B 103 -9.20 -5.68 -11.14
N ALA B 104 -8.57 -6.81 -10.82
CA ALA B 104 -7.57 -6.84 -9.77
C ALA B 104 -6.15 -6.68 -10.29
N TRP B 105 -5.85 -7.24 -11.46
CA TRP B 105 -4.50 -7.18 -12.00
C TRP B 105 -4.57 -7.52 -13.48
N LEU B 106 -3.74 -6.83 -14.27
CA LEU B 106 -3.66 -7.06 -15.70
C LEU B 106 -2.21 -7.31 -16.07
N GLY B 107 -1.95 -8.47 -16.68
CA GLY B 107 -0.62 -8.79 -17.15
C GLY B 107 -0.56 -8.84 -18.66
N ASN B 108 0.08 -7.85 -19.27
CA ASN B 108 0.17 -7.75 -20.71
C ASN B 108 1.58 -8.09 -21.17
N SER B 109 1.67 -8.73 -22.34
CA SER B 109 2.95 -9.08 -22.91
C SER B 109 2.82 -9.12 -24.43
N LEU B 110 3.96 -8.99 -25.10
CA LEU B 110 4.01 -8.99 -26.56
C LEU B 110 5.08 -9.97 -27.00
N HIS B 111 4.72 -10.87 -27.92
CA HIS B 111 5.65 -11.84 -28.48
C HIS B 111 6.03 -11.41 -29.89
N ARG B 112 7.29 -11.11 -30.08
CA ARG B 112 7.77 -10.78 -31.42
C ARG B 112 8.45 -11.97 -32.05
N PRO B 113 8.41 -12.08 -33.39
CA PRO B 113 9.12 -13.12 -34.14
C PRO B 113 10.59 -13.23 -33.77
N SER B 119 14.88 -19.55 -31.11
CA SER B 119 15.35 -20.57 -30.19
C SER B 119 14.18 -21.36 -29.61
N HIS B 120 13.81 -21.05 -28.37
CA HIS B 120 12.69 -21.71 -27.69
C HIS B 120 11.52 -20.74 -27.64
N LEU B 121 10.36 -21.20 -28.07
CA LEU B 121 9.17 -20.36 -28.20
C LEU B 121 8.21 -20.59 -27.06
N PRO B 122 7.36 -19.61 -26.75
CA PRO B 122 6.34 -19.81 -25.72
C PRO B 122 5.37 -20.91 -26.10
N SER B 123 4.82 -21.58 -25.08
CA SER B 123 3.95 -22.72 -25.32
C SER B 123 2.72 -22.32 -26.12
N PHE B 124 2.14 -21.16 -25.83
CA PHE B 124 0.95 -20.72 -26.55
C PHE B 124 1.25 -20.37 -28.00
N ILE B 125 2.49 -20.03 -28.32
CA ILE B 125 2.86 -19.81 -29.72
C ILE B 125 2.87 -21.12 -30.49
N MET B 126 3.42 -22.18 -29.88
CA MET B 126 3.45 -23.48 -30.54
C MET B 126 2.07 -24.11 -30.67
N GLY B 127 1.09 -23.61 -29.92
CA GLY B 127 -0.25 -24.18 -30.00
C GLY B 127 -0.45 -25.43 -29.19
N GLU B 128 0.36 -25.65 -28.16
CA GLU B 128 0.21 -26.83 -27.32
C GLU B 128 -1.10 -26.77 -26.54
N ILE B 129 -1.62 -27.95 -26.20
CA ILE B 129 -2.87 -28.00 -25.43
C ILE B 129 -2.62 -27.42 -24.04
N PRO B 130 -3.42 -26.46 -23.58
CA PRO B 130 -3.17 -25.85 -22.28
C PRO B 130 -3.31 -26.86 -21.15
N GLY B 131 -2.48 -26.70 -20.13
CA GLY B 131 -2.51 -27.61 -19.00
C GLY B 131 -3.67 -27.35 -18.06
N ASP B 132 -3.92 -28.32 -17.19
CA ASP B 132 -5.02 -28.19 -16.23
C ASP B 132 -4.76 -27.07 -15.24
N TRP B 133 -3.52 -26.92 -14.80
CA TRP B 133 -3.16 -25.93 -13.80
C TRP B 133 -2.17 -24.92 -14.38
N ILE B 134 -2.33 -23.66 -13.97
CA ILE B 134 -1.45 -22.59 -14.44
C ILE B 134 -0.96 -21.78 -13.24
N THR B 135 0.22 -21.21 -13.39
CA THR B 135 0.77 -20.23 -12.44
C THR B 135 1.36 -19.09 -13.25
N VAL B 136 0.92 -17.87 -12.98
CA VAL B 136 1.29 -16.69 -13.76
C VAL B 136 1.86 -15.64 -12.83
N TYR B 137 3.01 -15.06 -13.22
CA TYR B 137 3.54 -13.96 -12.43
C TYR B 137 4.36 -13.04 -13.31
N PRO B 138 4.44 -11.75 -12.97
CA PRO B 138 5.37 -10.85 -13.65
C PRO B 138 6.78 -10.99 -13.10
N PHE B 139 7.73 -10.47 -13.85
CA PHE B 139 9.14 -10.64 -13.54
C PHE B 139 9.91 -9.39 -13.93
N VAL B 140 10.78 -8.93 -13.03
CA VAL B 140 11.62 -7.76 -13.26
C VAL B 140 13.04 -8.14 -12.91
N ARG B 141 13.96 -7.99 -13.86
CA ARG B 141 15.35 -8.32 -13.63
C ARG B 141 16.06 -7.18 -12.90
N SER B 142 17.28 -7.46 -12.45
CA SER B 142 18.08 -6.45 -11.79
C SER B 142 18.52 -5.38 -12.78
N TYR B 143 18.97 -4.24 -12.25
CA TYR B 143 19.32 -3.11 -13.10
C TYR B 143 20.51 -3.42 -14.00
N ASP B 144 21.45 -4.23 -13.52
CA ASP B 144 22.66 -4.54 -14.27
C ASP B 144 22.57 -5.82 -15.09
N TRP B 145 21.38 -6.43 -15.15
CA TRP B 145 21.24 -7.69 -15.85
C TRP B 145 21.52 -7.55 -17.34
N TYR B 146 21.01 -6.49 -17.97
CA TYR B 146 21.09 -6.39 -19.42
C TYR B 146 22.45 -5.89 -19.90
N ILE B 147 23.13 -5.06 -19.11
CA ILE B 147 24.47 -4.61 -19.49
C ILE B 147 25.57 -5.53 -18.98
N MET B 148 25.21 -6.65 -18.37
CA MET B 148 26.18 -7.66 -17.97
C MET B 148 26.82 -8.26 -19.23
N ASP B 149 28.05 -8.74 -19.06
CA ASP B 149 28.79 -9.34 -20.17
C ASP B 149 27.94 -10.45 -20.80
N PRO B 150 27.72 -10.42 -22.12
CA PRO B 150 26.86 -11.43 -22.75
C PRO B 150 27.30 -12.85 -22.52
N GLN B 151 28.60 -13.09 -22.38
CA GLN B 151 29.04 -14.46 -22.05
C GLN B 151 28.39 -14.87 -20.73
N LYS B 152 28.58 -14.07 -19.68
CA LYS B 152 28.08 -14.44 -18.37
C LYS B 152 26.56 -14.55 -18.37
N ARG B 153 25.88 -13.62 -19.05
CA ARG B 153 24.42 -13.68 -19.09
C ARG B 153 23.94 -14.94 -19.79
N ARG B 154 24.57 -15.31 -20.90
CA ARG B 154 24.14 -16.50 -21.62
C ARG B 154 24.46 -17.76 -20.84
N LYS B 155 25.59 -17.78 -20.12
CA LYS B 155 25.88 -18.93 -19.26
C LYS B 155 24.85 -19.06 -18.15
N ILE B 156 24.48 -17.96 -17.52
CA ILE B 156 23.49 -17.99 -16.45
C ILE B 156 22.15 -18.47 -16.99
N LEU B 157 21.75 -17.96 -18.16
CA LEU B 157 20.50 -18.40 -18.77
C LEU B 157 20.54 -19.87 -19.15
N ALA B 158 21.68 -20.36 -19.63
CA ALA B 158 21.80 -21.77 -19.94
C ALA B 158 21.63 -22.64 -18.70
N GLU B 159 22.25 -22.24 -17.59
CA GLU B 159 22.05 -22.99 -16.35
C GLU B 159 20.60 -22.94 -15.90
N HIS B 160 19.97 -21.77 -16.00
CA HIS B 160 18.57 -21.63 -15.63
C HIS B 160 17.67 -22.54 -16.47
N GLY B 161 17.94 -22.61 -17.77
CA GLY B 161 17.16 -23.50 -18.62
C GLY B 161 17.42 -24.97 -18.31
N GLN B 162 18.67 -25.31 -18.02
CA GLN B 162 18.99 -26.69 -17.67
C GLN B 162 18.30 -27.11 -16.38
N ALA B 163 18.07 -26.16 -15.46
CA ALA B 163 17.37 -26.49 -14.23
C ALA B 163 15.94 -26.96 -14.45
N ALA B 164 15.34 -26.62 -15.60
CA ALA B 164 13.96 -26.98 -15.90
C ALA B 164 13.85 -28.14 -16.88
N ARG B 165 14.95 -28.85 -17.13
CA ARG B 165 14.93 -29.97 -18.05
C ARG B 165 14.41 -31.25 -17.41
N ASP B 166 14.29 -31.29 -16.08
CA ASP B 166 13.73 -32.43 -15.39
C ASP B 166 12.21 -32.37 -15.27
N PHE B 167 11.59 -31.34 -15.84
CA PHE B 167 10.14 -31.15 -15.78
C PHE B 167 9.61 -30.96 -17.20
N PRO B 168 9.64 -32.01 -18.02
CA PRO B 168 9.10 -31.88 -19.38
C PRO B 168 7.60 -31.69 -19.41
N ASP B 169 6.89 -32.03 -18.33
CA ASP B 169 5.44 -31.90 -18.30
C ASP B 169 4.98 -30.47 -18.01
N VAL B 170 5.88 -29.59 -17.58
CA VAL B 170 5.55 -28.21 -17.30
C VAL B 170 6.01 -27.36 -18.48
N ARG B 171 5.07 -26.68 -19.12
CA ARG B 171 5.36 -25.80 -20.25
C ARG B 171 5.47 -24.37 -19.76
N ALA B 172 6.50 -23.67 -20.21
CA ALA B 172 6.80 -22.32 -19.76
C ALA B 172 6.64 -21.32 -20.88
N ASN B 173 6.03 -20.18 -20.52
CA ASN B 173 5.83 -19.07 -21.48
C ASN B 173 6.50 -17.83 -20.89
N THR B 174 7.59 -17.36 -21.50
CA THR B 174 8.32 -16.17 -21.06
C THR B 174 8.18 -15.13 -22.15
N VAL B 175 7.40 -14.07 -21.88
CA VAL B 175 7.10 -13.10 -22.93
C VAL B 175 7.50 -11.70 -22.47
N PRO B 176 8.15 -10.91 -23.31
CA PRO B 176 8.51 -9.54 -22.91
C PRO B 176 7.27 -8.71 -22.59
N ALA B 177 7.39 -7.85 -21.58
CA ALA B 177 6.28 -7.04 -21.11
C ALA B 177 6.66 -5.59 -20.91
N PHE B 178 7.69 -5.10 -21.60
CA PHE B 178 8.13 -3.73 -21.43
C PHE B 178 7.08 -2.76 -21.94
N ALA B 179 6.86 -1.69 -21.18
CA ALA B 179 5.98 -0.57 -21.50
C ALA B 179 4.50 -0.94 -21.53
N LEU B 180 4.14 -2.20 -21.26
CA LEU B 180 2.75 -2.61 -21.18
C LEU B 180 2.30 -2.77 -19.73
N GLY B 181 3.02 -2.14 -18.81
CA GLY B 181 2.76 -2.26 -17.40
C GLY B 181 4.00 -1.90 -16.62
N ASP B 182 4.01 -2.29 -15.35
CA ASP B 182 5.09 -1.97 -14.44
C ASP B 182 6.24 -2.97 -14.50
N TYR B 183 6.13 -4.00 -15.34
CA TYR B 183 7.04 -5.12 -15.29
C TYR B 183 7.87 -5.21 -16.58
N GLU B 184 8.68 -6.25 -16.68
CA GLU B 184 9.54 -6.50 -17.82
C GLU B 184 9.21 -7.79 -18.54
N TRP B 185 8.89 -8.86 -17.82
CA TRP B 185 8.53 -10.13 -18.43
C TRP B 185 7.27 -10.69 -17.77
N MET B 186 6.54 -11.49 -18.53
CA MET B 186 5.42 -12.26 -18.03
C MET B 186 5.76 -13.73 -18.12
N LEU B 187 5.66 -14.44 -17.00
CA LEU B 187 5.99 -15.85 -16.94
C LEU B 187 4.75 -16.65 -16.59
N ALA B 188 4.52 -17.72 -17.34
CA ALA B 188 3.37 -18.59 -17.12
C ALA B 188 3.82 -20.05 -17.20
N PHE B 189 3.42 -20.85 -16.21
CA PHE B 189 3.75 -22.26 -16.17
C PHE B 189 2.46 -23.07 -16.20
N GLU B 190 2.37 -24.01 -17.13
CA GLU B 190 1.21 -24.86 -17.30
C GLU B 190 1.61 -26.31 -17.06
N ALA B 191 0.84 -27.00 -16.22
CA ALA B 191 1.15 -28.38 -15.89
C ALA B 191 -0.14 -29.15 -15.67
N PRO B 192 -0.13 -30.46 -15.89
CA PRO B 192 -1.29 -31.27 -15.49
C PRO B 192 -1.49 -31.33 -13.99
N ARG B 193 -0.43 -31.21 -13.20
CA ARG B 193 -0.50 -31.27 -11.76
C ARG B 193 0.14 -30.04 -11.16
N LEU B 194 -0.44 -29.55 -10.07
CA LEU B 194 0.08 -28.35 -9.43
C LEU B 194 1.37 -28.62 -8.68
N ASP B 195 1.52 -29.83 -8.13
CA ASP B 195 2.75 -30.17 -7.42
C ASP B 195 3.96 -30.12 -8.34
N ARG B 196 3.77 -30.40 -9.63
CA ARG B 196 4.87 -30.28 -10.58
C ARG B 196 5.32 -28.83 -10.71
N ILE B 197 4.37 -27.89 -10.75
CA ILE B 197 4.72 -26.47 -10.79
C ILE B 197 5.46 -26.07 -9.51
N VAL B 198 4.97 -26.54 -8.36
CA VAL B 198 5.61 -26.20 -7.08
C VAL B 198 7.04 -26.73 -7.06
N ASP B 199 7.23 -27.98 -7.49
CA ASP B 199 8.57 -28.56 -7.52
C ASP B 199 9.47 -27.83 -8.51
N LEU B 200 8.93 -27.43 -9.66
CA LEU B 200 9.74 -26.71 -10.63
C LEU B 200 10.21 -25.38 -10.06
N MET B 201 9.32 -24.64 -9.41
CA MET B 201 9.72 -23.36 -8.81
C MET B 201 10.77 -23.59 -7.72
N HIS B 202 10.56 -24.59 -6.87
CA HIS B 202 11.50 -24.87 -5.80
C HIS B 202 12.88 -25.22 -6.35
N LYS B 203 12.92 -26.04 -7.41
CA LYS B 203 14.20 -26.41 -8.00
C LYS B 203 14.83 -25.24 -8.73
N MET B 204 14.02 -24.39 -9.36
CA MET B 204 14.55 -23.21 -10.04
C MET B 204 15.09 -22.18 -9.06
N ARG B 205 14.72 -22.28 -7.78
CA ARG B 205 15.38 -21.46 -6.77
C ARG B 205 16.87 -21.73 -6.67
N TYR B 206 17.32 -22.92 -7.09
CA TYR B 206 18.72 -23.31 -6.97
C TYR B 206 19.54 -22.93 -8.19
N THR B 207 19.47 -21.66 -8.59
CA THR B 207 20.17 -21.22 -9.79
C THR B 207 20.82 -19.86 -9.53
N GLU B 208 21.89 -19.58 -10.27
CA GLU B 208 22.59 -18.31 -10.12
C GLU B 208 21.74 -17.13 -10.57
N ALA B 209 20.80 -17.36 -11.49
CA ALA B 209 19.93 -16.29 -11.96
C ALA B 209 19.12 -15.66 -10.84
N ARG B 210 18.93 -16.38 -9.72
CA ARG B 210 18.25 -15.83 -8.57
C ARG B 210 18.94 -14.60 -8.02
N LEU B 211 20.23 -14.43 -8.31
CA LEU B 211 20.97 -13.25 -7.87
C LEU B 211 20.63 -12.01 -8.68
N HIS B 212 19.82 -12.14 -9.73
CA HIS B 212 19.50 -11.00 -10.58
C HIS B 212 18.00 -10.81 -10.71
N VAL B 213 17.30 -10.84 -9.58
CA VAL B 213 15.85 -10.71 -9.54
C VAL B 213 15.49 -9.50 -8.69
N ARG B 214 14.60 -8.66 -9.19
CA ARG B 214 14.08 -7.53 -8.44
C ARG B 214 12.63 -7.72 -8.01
N GLU B 215 11.75 -8.07 -8.94
CA GLU B 215 10.33 -8.24 -8.65
C GLU B 215 9.83 -9.52 -9.29
N GLU B 216 9.06 -10.31 -8.54
CA GLU B 216 8.45 -11.50 -9.08
C GLU B 216 7.03 -11.72 -8.58
N THR B 217 6.46 -10.77 -7.85
CA THR B 217 5.13 -10.86 -7.29
C THR B 217 4.19 -9.88 -7.99
N PRO B 218 2.88 -10.11 -7.96
CA PRO B 218 2.13 -11.21 -7.32
C PRO B 218 2.04 -12.49 -8.16
N PHE B 219 1.77 -13.61 -7.51
CA PHE B 219 1.55 -14.88 -8.18
C PHE B 219 0.04 -15.12 -8.33
N PHE B 220 -0.34 -15.79 -9.40
CA PHE B 220 -1.74 -16.15 -9.64
C PHE B 220 -1.77 -17.61 -10.06
N THR B 221 -2.25 -18.48 -9.18
CA THR B 221 -2.31 -19.92 -9.42
C THR B 221 -3.76 -20.33 -9.61
N GLY B 222 -4.05 -21.03 -10.70
CA GLY B 222 -5.43 -21.32 -11.02
C GLY B 222 -5.62 -22.63 -11.74
N ARG B 223 -6.87 -23.09 -11.73
CA ARG B 223 -7.28 -24.32 -12.37
C ARG B 223 -8.11 -24.00 -13.60
N ARG B 224 -7.76 -24.61 -14.73
CA ARG B 224 -8.47 -24.32 -15.98
C ARG B 224 -9.85 -24.96 -15.96
N VAL B 225 -10.87 -24.17 -16.27
CA VAL B 225 -12.23 -24.66 -16.34
C VAL B 225 -12.61 -24.88 -17.80
N SER B 226 -13.48 -25.87 -18.03
CA SER B 226 -13.85 -26.22 -19.39
C SER B 226 -14.79 -25.19 -19.99
N GLU B 227 -15.74 -24.68 -19.20
CA GLU B 227 -16.71 -23.70 -19.68
C GLU B 227 -16.95 -22.68 -18.58
N VAL B 228 -17.49 -21.53 -19.00
CA VAL B 228 -17.69 -20.43 -18.06
C VAL B 228 -18.75 -20.76 -17.01
N SER B 229 -19.63 -21.73 -17.28
CA SER B 229 -20.63 -22.12 -16.28
C SER B 229 -19.96 -22.69 -15.04
N GLU B 230 -18.93 -23.51 -15.23
CA GLU B 230 -18.20 -24.08 -14.11
C GLU B 230 -17.60 -22.99 -13.24
N LEU B 231 -17.13 -21.91 -13.85
CA LEU B 231 -16.57 -20.79 -13.10
C LEU B 231 -17.65 -20.00 -12.39
N VAL B 232 -18.75 -19.71 -13.08
CA VAL B 232 -19.79 -18.85 -12.51
C VAL B 232 -20.47 -19.54 -11.33
N ASN B 233 -20.65 -20.85 -11.42
CA ASN B 233 -21.40 -21.56 -10.39
C ASN B 233 -20.66 -21.65 -9.05
N VAL B 234 -19.39 -21.28 -8.99
CA VAL B 234 -18.63 -21.34 -7.75
C VAL B 234 -18.29 -19.97 -7.18
N LEU B 235 -18.50 -18.90 -7.93
CA LEU B 235 -18.18 -17.58 -7.42
C LEU B 235 -19.09 -17.22 -6.24
N PRO B 236 -18.59 -16.46 -5.27
CA PRO B 236 -19.42 -16.08 -4.14
C PRO B 236 -20.60 -15.23 -4.58
N GLY B 237 -21.74 -15.43 -3.93
CA GLY B 237 -22.97 -14.75 -4.29
C GLY B 237 -22.89 -13.24 -4.11
N ASN C 13 9.11 -7.03 40.10
CA ASN C 13 8.83 -7.78 38.88
C ASN C 13 8.15 -9.11 39.21
N SER C 14 8.62 -10.18 38.55
CA SER C 14 8.08 -11.53 38.74
C SER C 14 6.57 -11.58 38.48
N MET C 15 6.14 -10.90 37.41
CA MET C 15 4.74 -10.92 37.03
C MET C 15 4.63 -10.75 35.52
N GLN C 16 3.75 -11.52 34.91
CA GLN C 16 3.54 -11.51 33.46
C GLN C 16 2.38 -10.60 33.11
N ARG C 17 2.60 -9.71 32.14
CA ARG C 17 1.59 -8.74 31.74
C ARG C 17 1.66 -8.53 30.24
N TYR C 18 0.58 -8.87 29.54
CA TYR C 18 0.41 -8.47 28.16
C TYR C 18 -0.13 -7.05 28.10
N SER C 19 0.35 -6.28 27.14
CA SER C 19 -0.07 -4.90 26.96
C SER C 19 -0.56 -4.71 25.53
N GLN C 20 -1.56 -3.84 25.37
CA GLN C 20 -2.11 -3.58 24.05
C GLN C 20 -2.42 -2.10 23.87
N PHE C 21 -2.00 -1.57 22.72
CA PHE C 21 -2.36 -0.24 22.24
C PHE C 21 -3.33 -0.43 21.10
N ALA C 22 -4.63 -0.32 21.38
CA ALA C 22 -5.65 -0.47 20.36
C ALA C 22 -5.99 0.91 19.80
N VAL C 23 -5.68 1.11 18.52
CA VAL C 23 -5.88 2.39 17.86
C VAL C 23 -7.12 2.30 16.99
N PHE C 24 -8.04 3.24 17.15
CA PHE C 24 -9.29 3.27 16.42
C PHE C 24 -9.43 4.56 15.63
N ARG C 25 -10.05 4.45 14.47
CA ARG C 25 -10.36 5.57 13.59
C ARG C 25 -11.87 5.73 13.54
N ALA C 26 -12.33 6.97 13.70
CA ALA C 26 -13.76 7.26 13.70
C ALA C 26 -14.29 7.34 12.28
N ILE C 27 -15.45 6.73 12.07
CA ILE C 27 -16.13 6.78 10.77
C ILE C 27 -16.99 8.04 10.75
N PRO C 28 -16.74 8.97 9.83
CA PRO C 28 -17.56 10.19 9.78
C PRO C 28 -19.00 9.86 9.44
N GLY C 29 -19.92 10.60 10.07
CA GLY C 29 -21.33 10.43 9.84
C GLY C 29 -21.98 9.29 10.60
N ALA C 30 -21.24 8.59 11.45
CA ALA C 30 -21.78 7.45 12.18
C ALA C 30 -22.07 7.75 13.63
N LEU C 31 -21.34 8.67 14.25
CA LEU C 31 -21.55 8.96 15.67
C LEU C 31 -22.82 9.77 15.89
N GLY C 32 -23.14 10.68 14.97
CA GLY C 32 -24.27 11.55 15.15
C GLY C 32 -23.95 12.72 16.06
N SER C 33 -25.01 13.47 16.40
CA SER C 33 -24.87 14.67 17.21
C SER C 33 -25.32 14.48 18.66
N ASP C 34 -26.21 13.54 18.93
CA ASP C 34 -26.62 13.23 20.29
C ASP C 34 -25.74 12.10 20.82
N ARG C 35 -24.91 12.41 21.82
CA ARG C 35 -23.87 11.49 22.27
C ARG C 35 -23.94 11.19 23.76
N ALA C 36 -24.96 11.66 24.46
CA ALA C 36 -25.03 11.42 25.90
C ALA C 36 -25.17 9.93 26.20
N GLU C 37 -26.05 9.23 25.47
CA GLU C 37 -26.24 7.81 25.72
C GLU C 37 -25.01 7.01 25.32
N ILE C 38 -24.33 7.40 24.24
CA ILE C 38 -23.10 6.74 23.84
C ILE C 38 -22.04 6.90 24.91
N VAL C 39 -21.92 8.12 25.46
CA VAL C 39 -20.96 8.38 26.52
C VAL C 39 -21.27 7.52 27.73
N ALA C 40 -22.55 7.46 28.11
CA ALA C 40 -22.93 6.68 29.28
C ALA C 40 -22.63 5.20 29.07
N GLN C 41 -22.92 4.68 27.88
CA GLN C 41 -22.66 3.27 27.62
C GLN C 41 -21.18 2.96 27.62
N ALA C 42 -20.35 3.82 27.02
CA ALA C 42 -18.92 3.58 27.03
C ALA C 42 -18.35 3.66 28.45
N GLN C 43 -18.82 4.62 29.23
CA GLN C 43 -18.37 4.73 30.61
C GLN C 43 -18.78 3.51 31.42
N SER C 44 -19.99 3.00 31.18
CA SER C 44 -20.42 1.79 31.87
C SER C 44 -19.55 0.60 31.49
N PHE C 45 -19.19 0.50 30.20
CA PHE C 45 -18.32 -0.58 29.76
C PHE C 45 -16.97 -0.52 30.46
N PHE C 46 -16.38 0.68 30.53
CA PHE C 46 -15.06 0.80 31.15
C PHE C 46 -15.13 0.58 32.66
N ASP C 47 -16.23 1.01 33.30
CA ASP C 47 -16.40 0.73 34.71
C ASP C 47 -16.55 -0.76 34.97
N GLY C 48 -17.26 -1.46 34.09
CA GLY C 48 -17.35 -2.91 34.21
C GLY C 48 -16.00 -3.59 34.05
N LEU C 49 -15.21 -3.12 33.09
CA LEU C 49 -13.85 -3.65 32.93
C LEU C 49 -13.04 -3.44 34.21
N GLU C 50 -13.13 -2.24 34.78
CA GLU C 50 -12.37 -1.96 35.99
C GLU C 50 -12.83 -2.81 37.16
N THR C 51 -14.15 -3.02 37.30
CA THR C 51 -14.65 -3.80 38.42
C THR C 51 -14.45 -5.30 38.24
N ALA C 52 -14.25 -5.75 37.00
CA ALA C 52 -13.98 -7.17 36.79
C ALA C 52 -12.62 -7.57 37.33
N GLY C 53 -11.63 -6.68 37.26
CA GLY C 53 -10.33 -6.90 37.83
C GLY C 53 -9.35 -7.67 36.98
N LYS C 54 -9.71 -8.03 35.75
CA LYS C 54 -8.83 -8.77 34.86
C LYS C 54 -8.03 -7.87 33.93
N VAL C 55 -8.69 -6.94 33.25
CA VAL C 55 -8.05 -6.03 32.32
C VAL C 55 -7.99 -4.65 32.96
N GLU C 56 -6.79 -4.08 33.01
CA GLU C 56 -6.58 -2.75 33.55
C GLU C 56 -6.37 -1.79 32.39
N VAL C 57 -7.29 -0.84 32.22
CA VAL C 57 -7.16 0.17 31.18
C VAL C 57 -6.19 1.23 31.70
N ARG C 58 -4.98 1.25 31.15
CA ARG C 58 -3.98 2.20 31.63
C ARG C 58 -4.30 3.61 31.16
N GLY C 59 -4.81 3.77 29.95
CA GLY C 59 -5.11 5.10 29.48
C GLY C 59 -5.99 5.10 28.25
N ILE C 60 -6.64 6.24 28.03
CA ILE C 60 -7.37 6.54 26.82
C ILE C 60 -6.83 7.84 26.26
N TYR C 61 -6.43 7.82 24.98
CA TYR C 61 -5.65 8.91 24.40
C TYR C 61 -6.34 9.42 23.15
N ASP C 62 -6.34 10.74 22.99
CA ASP C 62 -6.90 11.39 21.82
C ASP C 62 -5.81 11.57 20.78
N LEU C 63 -5.98 10.94 19.61
CA LEU C 63 -4.98 10.97 18.55
C LEU C 63 -5.34 11.94 17.43
N ALA C 64 -6.29 12.84 17.66
CA ALA C 64 -6.71 13.77 16.63
C ALA C 64 -5.56 14.70 16.27
N GLY C 65 -5.31 14.84 14.96
CA GLY C 65 -4.25 15.70 14.47
C GLY C 65 -2.90 15.04 14.37
N CYS C 66 -2.74 13.81 14.84
CA CYS C 66 -1.44 13.14 14.74
C CYS C 66 -1.23 12.56 13.34
N ARG C 67 -2.20 11.82 12.84
CA ARG C 67 -2.10 11.21 11.51
C ARG C 67 -3.49 11.02 10.94
N ALA C 68 -3.54 10.73 9.65
CA ALA C 68 -4.80 10.72 8.94
C ALA C 68 -5.70 9.56 9.34
N GLU C 69 -5.13 8.40 9.67
CA GLU C 69 -5.89 7.17 9.81
C GLU C 69 -6.15 6.77 11.26
N ALA C 70 -5.94 7.69 12.21
CA ALA C 70 -6.14 7.36 13.62
C ALA C 70 -6.93 8.46 14.29
N ASP C 71 -7.77 8.07 15.25
CA ASP C 71 -8.56 9.06 15.97
C ASP C 71 -8.43 8.95 17.48
N PHE C 72 -8.34 7.73 18.03
CA PHE C 72 -8.10 7.60 19.46
C PHE C 72 -7.43 6.25 19.74
N MET C 73 -7.06 6.05 20.99
CA MET C 73 -6.29 4.87 21.36
C MET C 73 -6.63 4.46 22.79
N ILE C 74 -6.68 3.15 23.02
CA ILE C 74 -6.88 2.59 24.35
C ILE C 74 -5.65 1.76 24.68
N TRP C 75 -5.00 2.07 25.79
CA TRP C 75 -3.84 1.33 26.27
C TRP C 75 -4.30 0.54 27.50
N TRP C 76 -4.31 -0.78 27.38
CA TRP C 76 -4.76 -1.64 28.48
C TRP C 76 -3.87 -2.86 28.61
N ILE C 77 -3.77 -3.36 29.84
CA ILE C 77 -2.84 -4.41 30.22
C ILE C 77 -3.58 -5.48 31.00
N ALA C 78 -3.30 -6.75 30.69
CA ALA C 78 -3.94 -7.85 31.40
C ALA C 78 -2.93 -8.98 31.58
N GLU C 79 -3.18 -9.83 32.58
CA GLU C 79 -2.27 -10.92 32.87
C GLU C 79 -2.25 -11.95 31.74
N GLU C 80 -3.42 -12.27 31.19
CA GLU C 80 -3.54 -13.23 30.10
C GLU C 80 -3.98 -12.53 28.83
N PHE C 81 -3.56 -13.06 27.68
CA PHE C 81 -3.90 -12.43 26.41
C PHE C 81 -5.35 -12.67 26.04
N GLU C 82 -5.94 -13.80 26.47
CA GLU C 82 -7.33 -14.05 26.17
C GLU C 82 -8.24 -13.02 26.82
N GLU C 83 -7.84 -12.50 28.00
CA GLU C 83 -8.61 -11.43 28.62
C GLU C 83 -8.60 -10.17 27.78
N ILE C 84 -7.44 -9.83 27.20
CA ILE C 84 -7.36 -8.69 26.30
C ILE C 84 -8.22 -8.94 25.06
N GLN C 85 -8.19 -10.16 24.53
CA GLN C 85 -9.04 -10.48 23.38
C GLN C 85 -10.50 -10.30 23.72
N ALA C 86 -10.93 -10.79 24.88
CA ALA C 86 -12.32 -10.67 25.28
C ALA C 86 -12.72 -9.22 25.45
N ALA C 87 -11.87 -8.41 26.09
CA ALA C 87 -12.18 -7.00 26.27
C ALA C 87 -12.25 -6.27 24.95
N PHE C 88 -11.32 -6.56 24.03
CA PHE C 88 -11.30 -5.90 22.73
C PHE C 88 -12.54 -6.26 21.91
N ALA C 89 -12.88 -7.55 21.85
CA ALA C 89 -14.06 -7.98 21.13
C ALA C 89 -15.33 -7.40 21.75
N ARG C 90 -15.39 -7.38 23.08
N ARG C 90 -15.39 -7.38 23.08
N ARG C 90 -15.39 -7.38 23.08
CA ARG C 90 -16.58 -6.83 23.74
CA ARG C 90 -16.56 -6.82 23.75
CA ARG C 90 -16.57 -6.82 23.75
C ARG C 90 -16.71 -5.33 23.46
C ARG C 90 -16.70 -5.33 23.47
C ARG C 90 -16.70 -5.33 23.46
N PHE C 91 -15.58 -4.60 23.43
CA PHE C 91 -15.63 -3.18 23.10
C PHE C 91 -16.16 -2.99 21.69
N ARG C 92 -15.70 -3.81 20.75
CA ARG C 92 -16.16 -3.67 19.38
C ARG C 92 -17.59 -4.17 19.17
N ARG C 93 -18.11 -4.98 20.10
CA ARG C 93 -19.39 -5.63 19.91
C ARG C 93 -20.54 -4.94 20.65
N GLU C 94 -20.35 -4.63 21.94
CA GLU C 94 -21.45 -4.26 22.81
C GLU C 94 -21.48 -2.78 23.15
N THR C 95 -20.68 -1.95 22.48
CA THR C 95 -20.71 -0.51 22.70
C THR C 95 -20.91 0.20 21.38
N VAL C 96 -21.70 1.27 21.39
CA VAL C 96 -21.92 2.06 20.19
C VAL C 96 -20.62 2.71 19.74
N LEU C 97 -19.78 3.12 20.70
CA LEU C 97 -18.49 3.72 20.35
C LEU C 97 -17.63 2.73 19.58
N GLY C 98 -17.62 1.46 20.00
CA GLY C 98 -16.85 0.46 19.28
C GLY C 98 -17.49 0.03 17.97
N GLN C 99 -18.79 0.23 17.83
CA GLN C 99 -19.49 -0.15 16.62
C GLN C 99 -19.34 0.87 15.50
N VAL C 100 -19.05 2.12 15.82
CA VAL C 100 -18.91 3.18 14.83
C VAL C 100 -17.45 3.54 14.60
N SER C 101 -16.53 2.64 14.93
CA SER C 101 -15.11 2.87 14.77
C SER C 101 -14.47 1.69 14.05
N GLU C 102 -13.39 1.95 13.32
CA GLU C 102 -12.61 0.92 12.66
C GLU C 102 -11.29 0.75 13.40
N VAL C 103 -10.83 -0.49 13.49
CA VAL C 103 -9.52 -0.75 14.08
C VAL C 103 -8.46 -0.37 13.07
N ALA C 104 -7.61 0.60 13.41
CA ALA C 104 -6.59 1.05 12.49
C ALA C 104 -5.26 0.36 12.71
N TRP C 105 -4.92 0.07 13.96
CA TRP C 105 -3.63 -0.54 14.28
C TRP C 105 -3.69 -1.12 15.68
N LEU C 106 -3.03 -2.26 15.85
CA LEU C 106 -2.96 -2.95 17.13
C LEU C 106 -1.51 -3.22 17.47
N GLY C 107 -1.04 -2.69 18.60
CA GLY C 107 0.30 -2.97 19.06
C GLY C 107 0.30 -3.81 20.31
N ASN C 108 0.69 -5.07 20.18
CA ASN C 108 0.69 -6.01 21.28
C ASN C 108 2.11 -6.25 21.76
N SER C 109 2.25 -6.45 23.07
CA SER C 109 3.56 -6.76 23.64
C SER C 109 3.37 -7.58 24.91
N LEU C 110 4.43 -8.29 25.29
CA LEU C 110 4.42 -9.14 26.47
C LEU C 110 5.62 -8.81 27.32
N HIS C 111 5.39 -8.52 28.59
CA HIS C 111 6.46 -8.26 29.55
C HIS C 111 6.65 -9.49 30.42
N ARG C 112 7.87 -10.00 30.47
CA ARG C 112 8.17 -11.17 31.29
C ARG C 112 9.35 -10.89 32.20
N PRO C 113 9.41 -11.55 33.37
CA PRO C 113 10.56 -11.44 34.28
C PRO C 113 11.88 -11.85 33.62
N SER C 119 17.37 -5.08 36.29
CA SER C 119 17.68 -4.08 35.28
C SER C 119 16.67 -2.93 35.34
N HIS C 120 16.32 -2.41 34.17
CA HIS C 120 15.35 -1.32 34.04
C HIS C 120 14.04 -1.89 33.52
N LEU C 121 12.94 -1.58 34.19
CA LEU C 121 11.64 -2.14 33.90
C LEU C 121 10.72 -1.11 33.27
N PRO C 122 9.69 -1.55 32.53
CA PRO C 122 8.76 -0.60 31.93
C PRO C 122 8.04 0.25 32.97
N SER C 123 7.67 1.47 32.56
CA SER C 123 7.04 2.39 33.48
C SER C 123 5.72 1.84 34.02
N PHE C 124 4.92 1.22 33.16
CA PHE C 124 3.65 0.67 33.61
C PHE C 124 3.84 -0.52 34.55
N ILE C 125 5.01 -1.17 34.53
CA ILE C 125 5.30 -2.21 35.49
C ILE C 125 5.52 -1.61 36.88
N MET C 126 6.24 -0.48 36.95
CA MET C 126 6.43 0.22 38.21
C MET C 126 5.14 0.77 38.78
N GLY C 127 4.10 0.92 37.96
CA GLY C 127 2.87 1.55 38.43
C GLY C 127 2.94 3.05 38.51
N GLU C 128 3.82 3.68 37.76
CA GLU C 128 3.95 5.12 37.78
C GLU C 128 2.71 5.79 37.22
N ILE C 129 2.45 7.01 37.68
CA ILE C 129 1.29 7.77 37.18
C ILE C 129 1.50 8.07 35.70
N PRO C 130 0.56 7.73 34.82
CA PRO C 130 0.75 7.98 33.40
C PRO C 130 0.87 9.47 33.08
N GLY C 131 1.70 9.78 32.09
CA GLY C 131 1.90 11.16 31.71
C GLY C 131 0.75 11.70 30.88
N ASP C 132 0.74 13.03 30.76
CA ASP C 132 -0.32 13.68 29.99
C ASP C 132 -0.24 13.33 28.51
N TRP C 133 0.98 13.24 27.97
CA TRP C 133 1.19 12.96 26.56
C TRP C 133 1.93 11.65 26.38
N ILE C 134 1.57 10.92 25.33
CA ILE C 134 2.21 9.66 25.00
C ILE C 134 2.58 9.63 23.52
N THR C 135 3.63 8.87 23.21
CA THR C 135 4.03 8.56 21.84
C THR C 135 4.36 7.08 21.77
N VAL C 136 3.69 6.36 20.87
CA VAL C 136 3.79 4.91 20.79
C VAL C 136 4.20 4.52 19.39
N TYR C 137 5.17 3.62 19.28
CA TYR C 137 5.52 3.12 17.95
C TYR C 137 6.13 1.72 18.07
N PRO C 138 5.98 0.90 17.04
CA PRO C 138 6.69 -0.38 16.99
C PRO C 138 8.13 -0.19 16.52
N PHE C 139 8.93 -1.22 16.77
CA PHE C 139 10.36 -1.15 16.51
C PHE C 139 10.86 -2.50 16.03
N VAL C 140 11.65 -2.49 14.96
CA VAL C 140 12.25 -3.70 14.41
C VAL C 140 13.74 -3.44 14.24
N ARG C 141 14.57 -4.30 14.82
CA ARG C 141 16.01 -4.15 14.73
C ARG C 141 16.52 -4.75 13.43
N SER C 142 17.79 -4.47 13.14
CA SER C 142 18.43 -5.03 11.96
C SER C 142 18.63 -6.53 12.13
N TYR C 143 18.86 -7.21 11.00
CA TYR C 143 18.94 -8.67 11.02
C TYR C 143 20.12 -9.16 11.84
N ASP C 144 21.23 -8.43 11.84
CA ASP C 144 22.45 -8.84 12.53
C ASP C 144 22.55 -8.30 13.94
N TRP C 145 21.51 -7.64 14.44
CA TRP C 145 21.58 -7.00 15.75
C TRP C 145 21.76 -8.03 16.86
N TYR C 146 21.02 -9.14 16.79
CA TYR C 146 21.00 -10.08 17.91
C TYR C 146 22.21 -11.01 17.91
N ILE C 147 22.77 -11.33 16.74
CA ILE C 147 23.96 -12.17 16.68
C ILE C 147 25.24 -11.36 16.74
N MET C 148 25.15 -10.04 16.90
CA MET C 148 26.33 -9.21 17.08
C MET C 148 27.02 -9.56 18.40
N ASP C 149 28.31 -9.30 18.46
CA ASP C 149 29.10 -9.57 19.65
C ASP C 149 28.43 -8.94 20.88
N PRO C 150 28.15 -9.72 21.92
CA PRO C 150 27.42 -9.16 23.07
C PRO C 150 28.11 -7.97 23.71
N GLN C 151 29.43 -7.92 23.66
CA GLN C 151 30.12 -6.72 24.20
C GLN C 151 29.67 -5.50 23.40
N LYS C 152 29.78 -5.57 22.07
CA LYS C 152 29.45 -4.43 21.24
C LYS C 152 28.00 -4.04 21.40
N ARG C 153 27.09 -5.02 21.44
CA ARG C 153 25.68 -4.72 21.61
C ARG C 153 25.41 -4.06 22.96
N ARG C 154 26.05 -4.56 24.02
CA ARG C 154 25.85 -3.98 25.34
C ARG C 154 26.40 -2.57 25.41
N LYS C 155 27.55 -2.31 24.77
CA LYS C 155 28.08 -0.96 24.72
C LYS C 155 27.15 -0.01 23.97
N ILE C 156 26.61 -0.47 22.84
CA ILE C 156 25.68 0.36 22.06
C ILE C 156 24.44 0.67 22.88
N LEU C 157 23.89 -0.35 23.56
CA LEU C 157 22.71 -0.13 24.39
C LEU C 157 23.01 0.79 25.56
N ALA C 158 24.21 0.70 26.14
CA ALA C 158 24.58 1.60 27.23
C ALA C 158 24.63 3.05 26.74
N GLU C 159 25.22 3.28 25.57
CA GLU C 159 25.23 4.64 25.02
C GLU C 159 23.81 5.13 24.73
N HIS C 160 22.97 4.24 24.17
CA HIS C 160 21.59 4.62 23.88
C HIS C 160 20.84 4.99 25.14
N GLY C 161 21.03 4.23 26.22
CA GLY C 161 20.39 4.56 27.48
C GLY C 161 20.93 5.84 28.08
N GLN C 162 22.24 6.07 27.98
CA GLN C 162 22.82 7.29 28.51
C GLN C 162 22.32 8.52 27.77
N ALA C 163 21.98 8.36 26.48
CA ALA C 163 21.42 9.49 25.73
C ALA C 163 20.08 9.96 26.28
N ALA C 164 19.38 9.12 27.02
CA ALA C 164 18.07 9.46 27.57
C ALA C 164 18.11 9.80 29.05
N ARG C 165 19.30 9.96 29.62
CA ARG C 165 19.42 10.31 31.03
C ARG C 165 19.21 11.79 31.28
N ASP C 166 19.12 12.60 30.21
CA ASP C 166 18.92 14.06 30.36
C ASP C 166 17.43 14.38 30.33
N PHE C 167 16.58 13.35 30.26
CA PHE C 167 15.13 13.54 30.23
C PHE C 167 14.50 12.68 31.30
N PRO C 168 14.71 13.02 32.58
CA PRO C 168 14.10 12.23 33.66
C PRO C 168 12.59 12.30 33.69
N ASP C 169 11.98 13.31 33.06
CA ASP C 169 10.54 13.47 33.08
C ASP C 169 9.84 12.65 32.01
N VAL C 170 10.57 11.98 31.13
CA VAL C 170 10.00 11.13 30.10
C VAL C 170 10.20 9.68 30.51
N ARG C 171 9.11 8.95 30.67
CA ARG C 171 9.16 7.54 31.05
C ARG C 171 9.05 6.67 29.81
N ALA C 172 9.92 5.68 29.70
CA ALA C 172 10.01 4.84 28.52
C ALA C 172 9.58 3.41 28.84
N ASN C 173 8.76 2.84 27.97
CA ASN C 173 8.36 1.44 28.02
C ASN C 173 8.89 0.77 26.76
N THR C 174 9.73 -0.24 26.95
CA THR C 174 10.25 -1.05 25.86
C THR C 174 9.87 -2.49 26.13
N VAL C 175 8.90 -3.01 25.39
CA VAL C 175 8.38 -4.34 25.68
C VAL C 175 8.53 -5.24 24.47
N PRO C 176 8.98 -6.49 24.64
CA PRO C 176 9.09 -7.40 23.48
C PRO C 176 7.74 -7.64 22.83
N ALA C 177 7.75 -7.75 21.50
CA ALA C 177 6.52 -7.91 20.73
C ALA C 177 6.64 -9.02 19.69
N PHE C 178 7.52 -9.99 19.91
CA PHE C 178 7.71 -11.06 18.94
C PHE C 178 6.46 -11.93 18.87
N ALA C 179 6.07 -12.30 17.65
CA ALA C 179 4.97 -13.21 17.33
C ALA C 179 3.60 -12.66 17.69
N LEU C 180 3.51 -11.46 18.25
CA LEU C 180 2.22 -10.82 18.53
C LEU C 180 1.89 -9.78 17.47
N GLY C 181 2.48 -9.90 16.31
CA GLY C 181 2.31 -8.94 15.24
C GLY C 181 3.50 -8.99 14.31
N ASP C 182 3.63 -7.94 13.50
CA ASP C 182 4.69 -7.86 12.50
C ASP C 182 6.00 -7.32 13.04
N TYR C 183 6.06 -6.99 14.33
CA TYR C 183 7.15 -6.21 14.89
C TYR C 183 7.92 -7.03 15.92
N GLU C 184 8.93 -6.40 16.50
CA GLU C 184 9.78 -7.02 17.52
C GLU C 184 9.66 -6.37 18.88
N TRP C 185 9.59 -5.04 18.94
CA TRP C 185 9.45 -4.32 20.20
C TRP C 185 8.36 -3.28 20.08
N MET C 186 7.75 -2.95 21.21
CA MET C 186 6.81 -1.84 21.31
C MET C 186 7.40 -0.80 22.24
N LEU C 187 7.47 0.45 21.77
CA LEU C 187 8.06 1.53 22.53
C LEU C 187 7.01 2.59 22.82
N ALA C 188 6.96 3.06 24.05
CA ALA C 188 6.01 4.06 24.47
C ALA C 188 6.69 5.08 25.38
N PHE C 189 6.56 6.35 25.04
CA PHE C 189 7.15 7.43 25.82
C PHE C 189 6.03 8.29 26.41
N GLU C 190 6.10 8.52 27.72
CA GLU C 190 5.10 9.29 28.44
C GLU C 190 5.77 10.52 29.05
N ALA C 191 5.19 11.69 28.84
CA ALA C 191 5.77 12.92 29.36
C ALA C 191 4.66 13.88 29.73
N PRO C 192 4.91 14.78 30.68
CA PRO C 192 3.95 15.86 30.92
C PRO C 192 3.83 16.85 29.77
N ARG C 193 4.88 17.01 28.98
CA ARG C 193 4.89 17.93 27.86
C ARG C 193 5.32 17.20 26.60
N LEU C 194 4.71 17.58 25.47
CA LEU C 194 5.02 16.91 24.21
C LEU C 194 6.38 17.32 23.67
N ASP C 195 6.78 18.57 23.91
CA ASP C 195 8.08 19.02 23.44
C ASP C 195 9.21 18.23 24.07
N ARG C 196 9.01 17.73 25.29
CA ARG C 196 10.02 16.87 25.90
C ARG C 196 10.18 15.58 25.12
N ILE C 197 9.07 14.98 24.68
CA ILE C 197 9.15 13.78 23.86
C ILE C 197 9.86 14.08 22.54
N VAL C 198 9.52 15.22 21.92
CA VAL C 198 10.14 15.59 20.65
C VAL C 198 11.65 15.76 20.82
N ASP C 199 12.05 16.46 21.88
CA ASP C 199 13.47 16.66 22.15
C ASP C 199 14.17 15.33 22.45
N LEU C 200 13.51 14.44 23.18
CA LEU C 200 14.11 13.15 23.48
C LEU C 200 14.35 12.35 22.21
N MET C 201 13.37 12.31 21.31
CA MET C 201 13.54 11.60 20.05
C MET C 201 14.67 12.21 19.22
N HIS C 202 14.69 13.54 19.15
CA HIS C 202 15.73 14.22 18.38
C HIS C 202 17.12 13.92 18.93
N LYS C 203 17.27 13.94 20.25
CA LYS C 203 18.57 13.66 20.85
C LYS C 203 18.94 12.19 20.71
N MET C 204 17.95 11.30 20.79
CA MET C 204 18.21 9.87 20.61
C MET C 204 18.59 9.55 19.18
N ARG C 205 18.30 10.43 18.22
CA ARG C 205 18.83 10.24 16.88
C ARG C 205 20.36 10.25 16.85
N TYR C 206 21.01 10.85 17.84
CA TYR C 206 22.46 10.98 17.87
C TYR C 206 23.13 9.81 18.59
N THR C 207 22.80 8.59 18.19
CA THR C 207 23.35 7.40 18.84
C THR C 207 23.71 6.37 17.79
N GLU C 208 24.66 5.49 18.16
CA GLU C 208 25.10 4.44 17.23
C GLU C 208 24.02 3.40 16.98
N ALA C 209 23.10 3.22 17.92
CA ALA C 209 22.01 2.26 17.72
C ALA C 209 21.18 2.59 16.49
N ARG C 210 21.21 3.84 16.04
CA ARG C 210 20.49 4.21 14.82
C ARG C 210 21.00 3.45 13.60
N LEU C 211 22.21 2.90 13.67
CA LEU C 211 22.73 2.10 12.57
C LEU C 211 22.13 0.71 12.51
N HIS C 212 21.31 0.33 13.49
CA HIS C 212 20.76 -1.02 13.54
C HIS C 212 19.24 -0.98 13.64
N VAL C 213 18.59 -0.17 12.81
CA VAL C 213 17.15 0.00 12.82
C VAL C 213 16.59 -0.35 11.46
N ARG C 214 15.54 -1.16 11.43
CA ARG C 214 14.85 -1.51 10.20
C ARG C 214 13.49 -0.83 10.07
N GLU C 215 12.64 -0.95 11.09
CA GLU C 215 11.31 -0.38 11.06
C GLU C 215 11.04 0.34 12.37
N GLU C 216 10.46 1.53 12.28
CA GLU C 216 10.07 2.29 13.47
C GLU C 216 8.73 2.99 13.30
N THR C 217 8.03 2.77 12.20
CA THR C 217 6.75 3.40 11.91
C THR C 217 5.63 2.36 11.99
N PRO C 218 4.37 2.80 12.20
CA PRO C 218 3.88 4.18 12.35
C PRO C 218 3.98 4.72 13.77
N PHE C 219 3.96 6.04 13.90
CA PHE C 219 3.94 6.70 15.21
C PHE C 219 2.51 7.07 15.57
N PHE C 220 2.22 7.05 16.87
CA PHE C 220 0.91 7.46 17.38
C PHE C 220 1.13 8.36 18.59
N THR C 221 0.85 9.65 18.42
CA THR C 221 1.05 10.66 19.46
C THR C 221 -0.31 11.11 19.97
N GLY C 222 -0.49 11.10 21.29
CA GLY C 222 -1.79 11.40 21.83
C GLY C 222 -1.74 12.05 23.20
N ARG C 223 -2.87 12.63 23.57
CA ARG C 223 -3.04 13.30 24.85
C ARG C 223 -3.99 12.48 25.72
N ARG C 224 -3.60 12.24 26.96
CA ARG C 224 -4.42 11.42 27.85
C ARG C 224 -5.65 12.21 28.29
N VAL C 225 -6.81 11.59 28.13
CA VAL C 225 -8.07 12.21 28.54
C VAL C 225 -8.48 11.65 29.89
N SER C 226 -9.16 12.48 30.68
CA SER C 226 -9.56 12.07 32.02
C SER C 226 -10.65 11.01 31.98
N GLU C 227 -11.63 11.16 31.08
CA GLU C 227 -12.74 10.24 31.00
C GLU C 227 -13.18 10.11 29.55
N VAL C 228 -13.93 9.05 29.26
CA VAL C 228 -14.32 8.77 27.89
C VAL C 228 -15.25 9.83 27.32
N SER C 229 -15.94 10.59 28.17
CA SER C 229 -16.79 11.67 27.67
C SER C 229 -15.97 12.72 26.93
N GLU C 230 -14.82 13.08 27.49
CA GLU C 230 -13.94 14.05 26.85
C GLU C 230 -13.51 13.59 25.47
N LEU C 231 -13.29 12.29 25.31
CA LEU C 231 -12.92 11.76 24.01
C LEU C 231 -14.10 11.73 23.04
N VAL C 232 -15.26 11.29 23.52
CA VAL C 232 -16.41 11.13 22.63
C VAL C 232 -16.90 12.49 22.14
N ASN C 233 -16.83 13.51 22.99
CA ASN C 233 -17.38 14.81 22.60
C ASN C 233 -16.57 15.53 21.54
N VAL C 234 -15.39 15.03 21.16
CA VAL C 234 -14.58 15.68 20.14
C VAL C 234 -14.49 14.87 18.85
N LEU C 235 -14.93 13.62 18.84
CA LEU C 235 -14.84 12.81 17.64
C LEU C 235 -15.74 13.40 16.55
N PRO C 236 -15.36 13.27 15.28
CA PRO C 236 -16.20 13.79 14.21
C PRO C 236 -17.54 13.08 14.15
N GLY C 237 -18.58 13.83 13.84
CA GLY C 237 -19.93 13.30 13.82
C GLY C 237 -20.14 12.20 12.79
N ASN D 13 13.50 35.16 18.33
CA ASN D 13 13.07 33.81 18.61
C ASN D 13 12.45 33.71 20.00
N SER D 14 12.90 32.72 20.78
CA SER D 14 12.40 32.47 22.13
C SER D 14 10.88 32.29 22.14
N MET D 15 10.36 31.55 21.16
CA MET D 15 8.94 31.27 21.07
C MET D 15 8.72 29.83 20.63
N GLN D 16 7.79 29.15 21.28
CA GLN D 16 7.42 27.79 20.92
C GLN D 16 6.19 27.82 20.02
N ARG D 17 6.27 27.15 18.87
CA ARG D 17 5.18 27.14 17.91
C ARG D 17 5.09 25.77 17.25
N TYR D 18 3.98 25.08 17.47
CA TYR D 18 3.65 23.92 16.67
C TYR D 18 3.00 24.34 15.37
N SER D 19 3.33 23.65 14.28
CA SER D 19 2.80 23.94 12.97
C SER D 19 2.16 22.69 12.40
N GLN D 20 1.07 22.87 11.66
CA GLN D 20 0.38 21.73 11.05
C GLN D 20 -0.06 22.06 9.64
N PHE D 21 0.22 21.12 8.73
CA PHE D 21 -0.27 21.12 7.36
C PHE D 21 -1.35 20.04 7.28
N ALA D 22 -2.61 20.43 7.44
CA ALA D 22 -3.71 19.49 7.37
C ALA D 22 -4.20 19.40 5.93
N VAL D 23 -4.04 18.23 5.31
CA VAL D 23 -4.38 18.02 3.92
C VAL D 23 -5.69 17.24 3.86
N PHE D 24 -6.64 17.75 3.09
CA PHE D 24 -7.96 17.16 2.97
C PHE D 24 -8.26 16.83 1.52
N ARG D 25 -8.98 15.73 1.33
CA ARG D 25 -9.46 15.28 0.03
C ARG D 25 -10.98 15.37 0.01
N ALA D 26 -11.52 15.95 -1.07
CA ALA D 26 -12.95 16.13 -1.18
C ALA D 26 -13.63 14.84 -1.65
N ILE D 27 -14.75 14.51 -1.03
CA ILE D 27 -15.54 13.35 -1.39
C ILE D 27 -16.50 13.77 -2.50
N PRO D 28 -16.40 13.20 -3.71
CA PRO D 28 -17.31 13.59 -4.79
C PRO D 28 -18.75 13.25 -4.44
N GLY D 29 -19.66 14.12 -4.84
CA GLY D 29 -21.08 13.92 -4.60
C GLY D 29 -21.57 14.29 -3.23
N ALA D 30 -20.71 14.81 -2.36
CA ALA D 30 -21.09 15.14 -1.00
C ALA D 30 -21.26 16.64 -0.77
N LEU D 31 -20.51 17.48 -1.49
CA LEU D 31 -20.58 18.92 -1.28
C LEU D 31 -21.83 19.53 -1.88
N GLY D 32 -22.34 18.97 -2.96
CA GLY D 32 -23.53 19.51 -3.59
C GLY D 32 -23.23 20.70 -4.48
N SER D 33 -24.31 21.31 -4.98
CA SER D 33 -24.19 22.44 -5.89
C SER D 33 -24.50 23.79 -5.25
N ASP D 34 -25.29 23.82 -4.19
CA ASP D 34 -25.57 25.06 -3.46
C ASP D 34 -24.57 25.17 -2.31
N ARG D 35 -23.66 26.14 -2.39
CA ARG D 35 -22.53 26.21 -1.48
C ARG D 35 -22.43 27.52 -0.73
N ALA D 36 -23.42 28.40 -0.85
CA ALA D 36 -23.36 29.69 -0.16
C ALA D 36 -23.35 29.50 1.36
N GLU D 37 -24.23 28.65 1.87
CA GLU D 37 -24.28 28.43 3.31
C GLU D 37 -23.02 27.74 3.81
N ILE D 38 -22.48 26.81 3.03
CA ILE D 38 -21.24 26.15 3.41
C ILE D 38 -20.10 27.16 3.47
N VAL D 39 -20.04 28.05 2.48
CA VAL D 39 -19.00 29.09 2.47
C VAL D 39 -19.13 29.98 3.69
N ALA D 40 -20.36 30.41 3.99
CA ALA D 40 -20.59 31.29 5.13
C ALA D 40 -20.19 30.60 6.43
N GLN D 41 -20.54 29.32 6.59
CA GLN D 41 -20.21 28.60 7.81
C GLN D 41 -18.71 28.42 7.96
N ALA D 42 -18.01 28.07 6.88
CA ALA D 42 -16.56 27.92 6.96
C ALA D 42 -15.88 29.25 7.28
N GLN D 43 -16.35 30.33 6.65
CA GLN D 43 -15.78 31.64 6.93
C GLN D 43 -16.02 32.04 8.38
N SER D 44 -17.21 31.74 8.92
CA SER D 44 -17.48 32.02 10.32
C SER D 44 -16.56 31.23 11.23
N PHE D 45 -16.31 29.96 10.88
CA PHE D 45 -15.40 29.15 11.68
C PHE D 45 -14.00 29.75 11.69
N PHE D 46 -13.50 30.16 10.52
CA PHE D 46 -12.15 30.70 10.47
C PHE D 46 -12.06 32.06 11.15
N ASP D 47 -13.12 32.87 11.06
CA ASP D 47 -13.14 34.14 11.79
C ASP D 47 -13.14 33.90 13.29
N GLY D 48 -13.88 32.89 13.75
CA GLY D 48 -13.84 32.55 15.16
C GLY D 48 -12.47 32.09 15.62
N LEU D 49 -11.80 31.28 14.79
CA LEU D 49 -10.43 30.88 15.10
C LEU D 49 -9.52 32.09 15.21
N GLU D 50 -9.65 33.03 14.28
CA GLU D 50 -8.80 34.23 14.30
C GLU D 50 -9.08 35.09 15.52
N THR D 51 -10.35 35.24 15.88
CA THR D 51 -10.69 36.10 17.02
C THR D 51 -10.41 35.43 18.35
N ALA D 52 -10.29 34.11 18.39
CA ALA D 52 -9.94 33.44 19.64
C ALA D 52 -8.51 33.74 20.06
N GLY D 53 -7.61 33.92 19.10
CA GLY D 53 -6.25 34.30 19.39
C GLY D 53 -5.29 33.18 19.70
N LYS D 54 -5.75 31.93 19.66
CA LYS D 54 -4.90 30.79 19.99
C LYS D 54 -4.24 30.17 18.75
N VAL D 55 -5.04 29.81 17.75
CA VAL D 55 -4.55 29.18 16.54
C VAL D 55 -4.53 30.21 15.42
N GLU D 56 -3.37 30.35 14.77
CA GLU D 56 -3.20 31.28 13.67
C GLU D 56 -3.17 30.49 12.37
N VAL D 57 -4.18 30.69 11.54
CA VAL D 57 -4.24 30.03 10.24
C VAL D 57 -3.32 30.79 9.30
N ARG D 58 -2.17 30.19 8.98
CA ARG D 58 -1.22 30.88 8.12
C ARG D 58 -1.68 30.89 6.67
N GLY D 59 -2.31 29.83 6.20
CA GLY D 59 -2.74 29.82 4.82
C GLY D 59 -3.74 28.72 4.54
N ILE D 60 -4.50 28.92 3.46
CA ILE D 60 -5.37 27.91 2.88
C ILE D 60 -4.97 27.75 1.42
N TYR D 61 -4.70 26.52 1.01
CA TYR D 61 -4.07 26.26 -0.27
C TYR D 61 -4.91 25.28 -1.08
N ASP D 62 -5.04 25.56 -2.37
CA ASP D 62 -5.75 24.69 -3.30
C ASP D 62 -4.76 23.70 -3.92
N LEU D 63 -4.98 22.41 -3.67
CA LEU D 63 -4.08 21.36 -4.13
C LEU D 63 -4.61 20.63 -5.36
N ALA D 64 -5.62 21.19 -6.03
CA ALA D 64 -6.19 20.54 -7.19
C ALA D 64 -5.16 20.40 -8.30
N GLY D 65 -5.03 19.20 -8.85
CA GLY D 65 -4.09 18.94 -9.92
C GLY D 65 -2.71 18.52 -9.48
N CYS D 66 -2.42 18.57 -8.18
CA CYS D 66 -1.09 18.17 -7.71
C CYS D 66 -0.97 16.65 -7.62
N ARG D 67 -1.92 16.00 -6.96
CA ARG D 67 -1.90 14.55 -6.81
C ARG D 67 -3.32 14.04 -6.70
N ALA D 68 -3.45 12.72 -6.75
CA ALA D 68 -4.77 12.11 -6.85
C ALA D 68 -5.54 12.15 -5.54
N GLU D 69 -4.85 12.14 -4.41
CA GLU D 69 -5.50 11.91 -3.11
C GLU D 69 -5.58 13.16 -2.26
N ALA D 70 -5.38 14.35 -2.84
CA ALA D 70 -5.42 15.59 -2.07
C ALA D 70 -6.23 16.63 -2.83
N ASP D 71 -6.93 17.46 -2.07
CA ASP D 71 -7.73 18.51 -2.70
C ASP D 71 -7.44 19.89 -2.15
N PHE D 72 -7.19 20.02 -0.85
CA PHE D 72 -6.80 21.32 -0.31
C PHE D 72 -6.01 21.12 0.98
N MET D 73 -5.49 22.23 1.52
CA MET D 73 -4.61 22.16 2.66
C MET D 73 -4.82 23.39 3.53
N ILE D 74 -4.76 23.20 4.85
CA ILE D 74 -4.79 24.28 5.81
C ILE D 74 -3.48 24.26 6.59
N TRP D 75 -2.75 25.36 6.54
CA TRP D 75 -1.50 25.51 7.28
C TRP D 75 -1.79 26.45 8.44
N TRP D 76 -1.72 25.92 9.66
CA TRP D 76 -1.98 26.71 10.85
C TRP D 76 -0.98 26.40 11.95
N ILE D 77 -0.73 27.42 12.78
CA ILE D 77 0.32 27.37 13.79
C ILE D 77 -0.26 27.83 15.12
N ALA D 78 0.07 27.11 16.19
CA ALA D 78 -0.39 27.48 17.53
C ALA D 78 0.70 27.22 18.55
N GLU D 79 0.62 27.92 19.67
CA GLU D 79 1.64 27.78 20.71
C GLU D 79 1.62 26.39 21.35
N GLU D 80 0.44 25.83 21.59
CA GLU D 80 0.30 24.52 22.18
C GLU D 80 -0.32 23.56 21.18
N PHE D 81 0.05 22.28 21.28
CA PHE D 81 -0.50 21.30 20.36
C PHE D 81 -1.96 20.98 20.69
N GLU D 82 -2.37 21.19 21.94
CA GLU D 82 -3.78 20.98 22.30
C GLU D 82 -4.67 21.91 21.50
N GLU D 83 -4.24 23.15 21.29
CA GLU D 83 -5.03 24.10 20.52
C GLU D 83 -5.18 23.65 19.07
N ILE D 84 -4.11 23.13 18.48
CA ILE D 84 -4.19 22.62 17.12
C ILE D 84 -5.12 21.42 17.06
N GLN D 85 -5.04 20.52 18.04
CA GLN D 85 -5.95 19.38 18.08
C GLN D 85 -7.40 19.84 18.17
N ALA D 86 -7.66 20.81 19.03
CA ALA D 86 -9.03 21.31 19.21
C ALA D 86 -9.54 21.94 17.93
N ALA D 87 -8.72 22.78 17.28
CA ALA D 87 -9.15 23.42 16.04
C ALA D 87 -9.39 22.41 14.93
N PHE D 88 -8.52 21.39 14.83
CA PHE D 88 -8.68 20.36 13.81
C PHE D 88 -9.96 19.58 14.03
N ALA D 89 -10.21 19.17 15.28
CA ALA D 89 -11.42 18.42 15.59
C ALA D 89 -12.66 19.28 15.34
N ARG D 90 -12.61 20.56 15.71
N ARG D 90 -12.61 20.56 15.71
CA ARG D 90 -13.76 21.44 15.50
CA ARG D 90 -13.76 21.44 15.50
C ARG D 90 -14.02 21.64 14.02
C ARG D 90 -14.03 21.64 14.01
N PHE D 91 -12.97 21.76 13.21
CA PHE D 91 -13.16 21.86 11.76
C PHE D 91 -13.82 20.60 11.20
N ARG D 92 -13.37 19.44 11.67
CA ARG D 92 -13.97 18.20 11.16
C ARG D 92 -15.36 17.95 11.71
N ARG D 93 -15.73 18.59 12.81
CA ARG D 93 -16.99 18.29 13.49
C ARG D 93 -18.10 19.29 13.19
N GLU D 94 -17.82 20.59 13.31
CA GLU D 94 -18.87 21.60 13.33
C GLU D 94 -18.98 22.40 12.04
N THR D 95 -18.31 21.98 10.97
CA THR D 95 -18.44 22.63 9.68
C THR D 95 -18.81 21.60 8.61
N VAL D 96 -19.67 22.01 7.68
CA VAL D 96 -20.05 21.13 6.59
C VAL D 96 -18.85 20.82 5.71
N LEU D 97 -17.96 21.81 5.53
CA LEU D 97 -16.76 21.58 4.73
C LEU D 97 -15.89 20.49 5.32
N GLY D 98 -15.75 20.48 6.64
CA GLY D 98 -14.97 19.43 7.28
C GLY D 98 -15.70 18.10 7.34
N GLN D 99 -17.03 18.13 7.30
CA GLN D 99 -17.82 16.91 7.34
C GLN D 99 -17.84 16.16 6.02
N VAL D 100 -17.63 16.86 4.90
CA VAL D 100 -17.68 16.24 3.59
C VAL D 100 -16.26 16.03 3.02
N SER D 101 -15.25 16.04 3.87
CA SER D 101 -13.88 15.87 3.45
C SER D 101 -13.23 14.76 4.27
N GLU D 102 -12.24 14.10 3.67
CA GLU D 102 -11.44 13.10 4.36
C GLU D 102 -10.05 13.66 4.63
N VAL D 103 -9.47 13.27 5.76
CA VAL D 103 -8.10 13.68 6.05
C VAL D 103 -7.16 12.77 5.27
N ALA D 104 -6.36 13.35 4.39
CA ALA D 104 -5.46 12.56 3.56
C ALA D 104 -4.06 12.48 4.14
N TRP D 105 -3.59 13.55 4.78
CA TRP D 105 -2.23 13.57 5.31
C TRP D 105 -2.14 14.71 6.32
N LEU D 106 -1.38 14.47 7.39
CA LEU D 106 -1.15 15.47 8.42
C LEU D 106 0.35 15.62 8.64
N GLY D 107 0.86 16.83 8.45
CA GLY D 107 2.25 17.10 8.69
C GLY D 107 2.44 18.01 9.88
N ASN D 108 2.93 17.47 10.99
CA ASN D 108 3.10 18.21 12.23
C ASN D 108 4.58 18.48 12.48
N SER D 109 4.87 19.64 13.06
CA SER D 109 6.23 20.00 13.39
C SER D 109 6.22 20.94 14.58
N LEU D 110 7.36 21.02 15.26
CA LEU D 110 7.54 21.88 16.42
C LEU D 110 8.79 22.71 16.23
N HIS D 111 8.65 24.03 16.38
CA HIS D 111 9.78 24.94 16.30
C HIS D 111 10.14 25.37 17.71
N ARG D 112 11.39 25.13 18.11
CA ARG D 112 11.83 25.49 19.44
C ARG D 112 13.02 26.43 19.38
N PRO D 113 13.19 27.30 20.38
CA PRO D 113 14.34 28.19 20.47
C PRO D 113 15.65 27.44 20.60
N SER D 119 20.59 31.07 14.33
CA SER D 119 21.05 30.95 12.95
C SER D 119 20.00 31.47 11.98
N HIS D 120 19.48 30.58 11.16
CA HIS D 120 18.43 30.90 10.20
C HIS D 120 17.12 30.32 10.69
N LEU D 121 16.09 31.16 10.73
CA LEU D 121 14.80 30.80 11.31
C LEU D 121 13.78 30.52 10.22
N PRO D 122 12.74 29.74 10.53
CA PRO D 122 11.69 29.49 9.54
C PRO D 122 10.98 30.77 9.13
N SER D 123 10.48 30.78 7.90
CA SER D 123 9.86 31.99 7.36
C SER D 123 8.64 32.39 8.19
N PHE D 124 7.83 31.43 8.61
CA PHE D 124 6.64 31.76 9.40
C PHE D 124 7.00 32.28 10.78
N ILE D 125 8.19 31.97 11.30
CA ILE D 125 8.62 32.53 12.57
C ILE D 125 8.92 34.01 12.41
N MET D 126 9.58 34.39 11.32
CA MET D 126 9.88 35.80 11.07
C MET D 126 8.62 36.62 10.80
N GLY D 127 7.51 35.97 10.45
CA GLY D 127 6.30 36.70 10.13
C GLY D 127 6.27 37.25 8.72
N GLU D 128 7.02 36.66 7.81
CA GLU D 128 7.04 37.13 6.43
C GLU D 128 5.69 36.89 5.76
N ILE D 129 5.38 37.71 4.77
CA ILE D 129 4.12 37.55 4.04
C ILE D 129 4.16 36.24 3.26
N PRO D 130 3.16 35.35 3.42
CA PRO D 130 3.22 34.07 2.71
C PRO D 130 3.17 34.25 1.21
N GLY D 131 3.88 33.38 0.51
CA GLY D 131 3.94 33.45 -0.93
C GLY D 131 2.68 32.90 -1.58
N ASP D 132 2.53 33.21 -2.87
CA ASP D 132 1.37 32.76 -3.61
C ASP D 132 1.35 31.24 -3.74
N TRP D 133 2.50 30.63 -3.99
CA TRP D 133 2.60 29.20 -4.18
C TRP D 133 3.42 28.57 -3.07
N ILE D 134 3.02 27.36 -2.66
CA ILE D 134 3.73 26.62 -1.64
C ILE D 134 3.94 25.19 -2.11
N THR D 135 5.02 24.58 -1.63
CA THR D 135 5.23 23.15 -1.71
C THR D 135 5.63 22.66 -0.33
N VAL D 136 5.13 21.48 0.05
CA VAL D 136 5.32 20.95 1.39
C VAL D 136 5.65 19.48 1.28
N TYR D 137 6.67 19.03 2.01
CA TYR D 137 6.94 17.60 2.06
C TYR D 137 7.65 17.24 3.36
N PRO D 138 7.46 16.01 3.84
CA PRO D 138 8.26 15.53 4.97
C PRO D 138 9.62 15.04 4.51
N PHE D 139 10.53 14.93 5.46
CA PHE D 139 11.92 14.61 5.17
C PHE D 139 12.48 13.71 6.24
N VAL D 140 13.14 12.63 5.83
CA VAL D 140 13.79 11.68 6.72
C VAL D 140 15.22 11.51 6.28
N ARG D 141 16.16 11.77 7.18
CA ARG D 141 17.57 11.64 6.85
C ARG D 141 18.02 10.17 6.95
N SER D 142 19.23 9.92 6.49
CA SER D 142 19.80 8.58 6.59
C SER D 142 20.10 8.24 8.05
N TYR D 143 20.29 6.94 8.30
CA TYR D 143 20.49 6.49 9.68
C TYR D 143 21.79 7.03 10.27
N ASP D 144 22.83 7.18 9.46
CA ASP D 144 24.13 7.63 9.93
C ASP D 144 24.32 9.14 9.84
N TRP D 145 23.27 9.87 9.48
CA TRP D 145 23.41 11.32 9.28
C TRP D 145 23.77 12.03 10.58
N TYR D 146 23.12 11.65 11.69
CA TYR D 146 23.29 12.41 12.92
C TYR D 146 24.56 12.04 13.67
N ILE D 147 25.03 10.80 13.55
CA ILE D 147 26.28 10.40 14.19
C ILE D 147 27.48 10.63 13.30
N MET D 148 27.30 11.24 12.12
CA MET D 148 28.40 11.62 11.26
C MET D 148 29.25 12.68 11.96
N ASP D 149 30.52 12.73 11.58
CA ASP D 149 31.45 13.71 12.13
C ASP D 149 30.86 15.11 12.00
N PRO D 150 30.73 15.86 13.10
CA PRO D 150 30.07 17.17 13.02
C PRO D 150 30.69 18.13 12.02
N GLN D 151 32.01 18.06 11.80
CA GLN D 151 32.63 18.91 10.79
C GLN D 151 32.09 18.58 9.40
N LYS D 152 32.03 17.29 9.07
CA LYS D 152 31.54 16.88 7.76
C LYS D 152 30.07 17.25 7.58
N ARG D 153 29.25 17.04 8.62
CA ARG D 153 27.86 17.42 8.53
C ARG D 153 27.69 18.92 8.36
N ARG D 154 28.49 19.70 9.09
CA ARG D 154 28.43 21.16 8.95
C ARG D 154 28.81 21.59 7.55
N LYS D 155 29.85 20.99 6.98
CA LYS D 155 30.25 21.32 5.61
C LYS D 155 29.15 20.96 4.62
N ILE D 156 28.53 19.79 4.78
CA ILE D 156 27.47 19.38 3.87
C ILE D 156 26.29 20.33 3.96
N LEU D 157 25.91 20.70 5.19
CA LEU D 157 24.80 21.64 5.36
C LEU D 157 25.14 23.02 4.82
N ALA D 158 26.40 23.45 4.94
CA ALA D 158 26.80 24.73 4.38
C ALA D 158 26.67 24.72 2.86
N GLU D 159 27.11 23.64 2.22
CA GLU D 159 26.95 23.54 0.76
C GLU D 159 25.47 23.52 0.39
N HIS D 160 24.65 22.79 1.15
CA HIS D 160 23.23 22.73 0.85
C HIS D 160 22.58 24.10 0.96
N GLY D 161 22.94 24.87 1.99
CA GLY D 161 22.42 26.22 2.12
C GLY D 161 22.93 27.14 1.02
N GLN D 162 24.19 26.98 0.62
CA GLN D 162 24.75 27.78 -0.45
C GLN D 162 24.02 27.53 -1.77
N ALA D 163 23.55 26.30 -1.99
CA ALA D 163 22.85 25.99 -3.22
C ALA D 163 21.54 26.75 -3.35
N ALA D 164 20.99 27.28 -2.25
CA ALA D 164 19.73 28.01 -2.27
C ALA D 164 19.92 29.52 -2.20
N ARG D 165 21.15 29.99 -2.37
CA ARG D 165 21.41 31.43 -2.30
C ARG D 165 20.96 32.16 -3.56
N ASP D 166 20.90 31.48 -4.70
CA ASP D 166 20.46 32.10 -5.94
C ASP D 166 18.95 32.23 -6.05
N PHE D 167 18.21 31.86 -5.01
CA PHE D 167 16.75 31.94 -5.00
C PHE D 167 16.31 32.71 -3.76
N PRO D 168 16.57 34.02 -3.72
CA PRO D 168 16.10 34.81 -2.58
C PRO D 168 14.59 34.95 -2.51
N ASP D 169 13.88 34.71 -3.62
CA ASP D 169 12.44 34.86 -3.64
C ASP D 169 11.71 33.64 -3.08
N VAL D 170 12.43 32.56 -2.79
CA VAL D 170 11.82 31.35 -2.24
C VAL D 170 12.19 31.28 -0.77
N ARG D 171 11.18 31.28 0.10
CA ARG D 171 11.38 31.21 1.53
C ARG D 171 11.21 29.76 1.99
N ALA D 172 12.14 29.28 2.80
CA ALA D 172 12.19 27.90 3.22
C ALA D 172 11.91 27.78 4.72
N ASN D 173 11.06 26.80 5.06
CA ASN D 173 10.73 26.51 6.47
C ASN D 173 11.15 25.07 6.75
N THR D 174 12.16 24.85 7.57
CA THR D 174 12.64 23.53 7.95
C THR D 174 12.39 23.36 9.45
N VAL D 175 11.42 22.52 9.81
CA VAL D 175 11.03 22.41 11.21
C VAL D 175 11.15 20.96 11.67
N PRO D 176 11.70 20.70 12.86
CA PRO D 176 11.77 19.32 13.36
C PRO D 176 10.39 18.72 13.52
N ALA D 177 10.28 17.43 13.22
CA ALA D 177 9.00 16.72 13.27
C ALA D 177 9.11 15.37 13.97
N PHE D 178 10.07 15.21 14.86
CA PHE D 178 10.25 13.93 15.55
C PHE D 178 9.08 13.67 16.48
N ALA D 179 8.60 12.43 16.48
CA ALA D 179 7.55 11.91 17.35
C ALA D 179 6.18 12.52 17.09
N LEU D 180 6.04 13.42 16.13
CA LEU D 180 4.75 13.97 15.74
C LEU D 180 4.24 13.34 14.45
N GLY D 181 4.74 12.16 14.14
CA GLY D 181 4.40 11.47 12.91
C GLY D 181 5.49 10.48 12.56
N ASP D 182 5.48 10.04 11.30
CA ASP D 182 6.42 9.04 10.83
C ASP D 182 7.74 9.65 10.34
N TYR D 183 7.90 10.96 10.45
CA TYR D 183 8.98 11.67 9.78
C TYR D 183 9.90 12.34 10.79
N GLU D 184 10.88 13.07 10.27
CA GLU D 184 11.87 13.78 11.07
C GLU D 184 11.82 15.28 10.88
N TRP D 185 11.64 15.75 9.66
CA TRP D 185 11.57 17.17 9.37
C TRP D 185 10.39 17.47 8.47
N MET D 186 9.87 18.69 8.57
CA MET D 186 8.87 19.20 7.65
C MET D 186 9.48 20.36 6.88
N LEU D 187 9.42 20.29 5.56
CA LEU D 187 9.99 21.31 4.69
C LEU D 187 8.89 21.96 3.88
N ALA D 188 8.91 23.30 3.84
CA ALA D 188 7.93 24.06 3.10
C ALA D 188 8.61 25.19 2.35
N PHE D 189 8.34 25.29 1.05
CA PHE D 189 8.90 26.34 0.22
C PHE D 189 7.79 27.24 -0.29
N GLU D 190 7.93 28.54 -0.09
CA GLU D 190 6.96 29.53 -0.50
C GLU D 190 7.59 30.45 -1.53
N ALA D 191 6.89 30.66 -2.64
CA ALA D 191 7.44 31.51 -3.70
C ALA D 191 6.29 32.23 -4.38
N PRO D 192 6.56 33.40 -4.97
CA PRO D 192 5.54 34.04 -5.81
C PRO D 192 5.24 33.27 -7.09
N ARG D 193 6.19 32.48 -7.57
CA ARG D 193 6.02 31.71 -8.79
C ARG D 193 6.37 30.25 -8.53
N LEU D 194 5.65 29.35 -9.21
CA LEU D 194 5.89 27.93 -9.00
C LEU D 194 7.16 27.47 -9.70
N ASP D 195 7.49 28.08 -10.85
CA ASP D 195 8.70 27.69 -11.56
C ASP D 195 9.94 27.97 -10.74
N ARG D 196 9.90 28.98 -9.87
CA ARG D 196 11.03 29.21 -8.97
C ARG D 196 11.22 28.06 -8.00
N ILE D 197 10.12 27.52 -7.46
CA ILE D 197 10.22 26.36 -6.59
C ILE D 197 10.76 25.15 -7.36
N VAL D 198 10.29 24.95 -8.58
CA VAL D 198 10.75 23.83 -9.39
C VAL D 198 12.25 23.95 -9.65
N ASP D 199 12.70 25.15 -10.03
CA ASP D 199 14.12 25.36 -10.28
C ASP D 199 14.94 25.18 -9.02
N LEU D 200 14.43 25.63 -7.87
CA LEU D 200 15.16 25.48 -6.62
C LEU D 200 15.34 24.00 -6.28
N MET D 201 14.27 23.21 -6.42
CA MET D 201 14.40 21.78 -6.14
C MET D 201 15.38 21.13 -7.10
N HIS D 202 15.30 21.48 -8.38
CA HIS D 202 16.20 20.89 -9.37
C HIS D 202 17.65 21.22 -9.05
N LYS D 203 17.94 22.47 -8.67
CA LYS D 203 19.30 22.84 -8.35
C LYS D 203 19.76 22.22 -7.04
N MET D 204 18.86 22.10 -6.07
CA MET D 204 19.21 21.46 -4.81
C MET D 204 19.48 19.97 -4.98
N ARG D 205 19.02 19.38 -6.09
CA ARG D 205 19.44 18.01 -6.40
C ARG D 205 20.96 17.89 -6.57
N TYR D 206 21.64 18.98 -6.90
CA TYR D 206 23.08 18.95 -7.17
C TYR D 206 23.90 19.22 -5.91
N THR D 207 23.63 18.49 -4.84
CA THR D 207 24.32 18.69 -3.58
C THR D 207 24.67 17.35 -2.95
N GLU D 208 25.71 17.36 -2.12
CA GLU D 208 26.16 16.13 -1.48
C GLU D 208 25.16 15.62 -0.45
N ALA D 209 24.34 16.52 0.10
CA ALA D 209 23.33 16.11 1.07
C ALA D 209 22.36 15.11 0.48
N ARG D 210 22.22 15.06 -0.85
CA ARG D 210 21.37 14.07 -1.49
C ARG D 210 21.82 12.64 -1.17
N LEU D 211 23.07 12.45 -0.78
CA LEU D 211 23.55 11.13 -0.41
C LEU D 211 23.07 10.68 0.97
N HIS D 212 22.38 11.55 1.71
CA HIS D 212 21.93 11.19 3.05
C HIS D 212 20.43 11.40 3.20
N VAL D 213 19.65 10.91 2.24
CA VAL D 213 18.21 11.06 2.21
C VAL D 213 17.57 9.69 2.19
N ARG D 214 16.58 9.48 3.05
CA ARG D 214 15.82 8.23 3.08
C ARG D 214 14.40 8.41 2.56
N GLU D 215 13.68 9.37 3.11
CA GLU D 215 12.27 9.60 2.67
C GLU D 215 12.06 11.08 2.41
N GLU D 216 11.40 11.41 1.31
CA GLU D 216 11.07 12.79 1.00
C GLU D 216 9.70 12.94 0.37
N THR D 217 8.86 11.92 0.42
CA THR D 217 7.53 11.93 -0.18
C THR D 217 6.49 11.72 0.92
N PRO D 218 5.23 12.14 0.69
CA PRO D 218 4.66 12.76 -0.52
C PRO D 218 4.85 14.27 -0.60
N PHE D 219 4.74 14.81 -1.82
CA PHE D 219 4.79 16.25 -2.04
C PHE D 219 3.38 16.81 -2.12
N PHE D 220 3.20 18.04 -1.65
CA PHE D 220 1.92 18.74 -1.74
C PHE D 220 2.18 20.15 -2.23
N THR D 221 1.77 20.43 -3.47
CA THR D 221 1.99 21.71 -4.12
C THR D 221 0.65 22.42 -4.28
N GLY D 222 0.59 23.68 -3.84
CA GLY D 222 -0.69 24.37 -3.86
C GLY D 222 -0.55 25.86 -4.03
N ARG D 223 -1.67 26.48 -4.34
CA ARG D 223 -1.78 27.92 -4.55
C ARG D 223 -2.58 28.53 -3.42
N ARG D 224 -2.03 29.58 -2.81
CA ARG D 224 -2.70 30.21 -1.68
C ARG D 224 -3.94 30.96 -2.16
N VAL D 225 -5.07 30.71 -1.52
CA VAL D 225 -6.33 31.36 -1.85
C VAL D 225 -6.55 32.50 -0.86
N SER D 226 -7.22 33.55 -1.35
CA SER D 226 -7.46 34.72 -0.51
C SER D 226 -8.47 34.42 0.60
N GLU D 227 -9.53 33.69 0.29
CA GLU D 227 -10.55 33.37 1.27
C GLU D 227 -11.12 31.99 0.95
N VAL D 228 -11.81 31.42 1.95
CA VAL D 228 -12.30 30.06 1.82
C VAL D 228 -13.35 29.92 0.72
N SER D 229 -14.00 31.01 0.32
CA SER D 229 -14.97 30.94 -0.76
C SER D 229 -14.31 30.51 -2.06
N GLU D 230 -13.12 31.05 -2.35
CA GLU D 230 -12.38 30.67 -3.54
C GLU D 230 -12.11 29.17 -3.56
N LEU D 231 -11.79 28.59 -2.40
CA LEU D 231 -11.53 27.17 -2.33
C LEU D 231 -12.80 26.35 -2.48
N VAL D 232 -13.87 26.75 -1.80
CA VAL D 232 -15.10 25.96 -1.81
C VAL D 232 -15.73 25.96 -3.20
N ASN D 233 -15.65 27.08 -3.92
CA ASN D 233 -16.33 27.18 -5.20
C ASN D 233 -15.69 26.33 -6.29
N VAL D 234 -14.51 25.76 -6.06
CA VAL D 234 -13.85 24.94 -7.08
C VAL D 234 -13.81 23.45 -6.71
N LEU D 235 -14.15 23.08 -5.48
CA LEU D 235 -14.11 21.68 -5.10
C LEU D 235 -15.14 20.88 -5.89
N PRO D 236 -14.86 19.62 -6.21
CA PRO D 236 -15.84 18.81 -6.94
C PRO D 236 -17.11 18.63 -6.13
N GLY D 237 -18.24 18.63 -6.84
CA GLY D 237 -19.54 18.54 -6.20
C GLY D 237 -19.77 17.23 -5.48
N ASN E 13 13.97 28.03 -26.95
CA ASN E 13 12.57 28.01 -27.36
C ASN E 13 11.83 29.22 -26.79
N SER E 14 12.26 29.66 -25.61
CA SER E 14 11.68 30.82 -24.93
C SER E 14 10.17 30.69 -24.74
N MET E 15 9.74 29.52 -24.26
CA MET E 15 8.34 29.28 -23.96
C MET E 15 8.22 28.49 -22.68
N GLN E 16 7.26 28.87 -21.83
CA GLN E 16 6.97 28.18 -20.59
C GLN E 16 5.70 27.36 -20.79
N ARG E 17 5.76 26.06 -20.50
CA ARG E 17 4.63 25.18 -20.68
C ARG E 17 4.60 24.14 -19.58
N TYR E 18 3.59 24.19 -18.72
CA TYR E 18 3.29 23.10 -17.82
C TYR E 18 2.49 22.04 -18.56
N SER E 19 2.79 20.78 -18.28
CA SER E 19 2.12 19.64 -18.90
C SER E 19 1.54 18.75 -17.82
N GLN E 20 0.37 18.19 -18.09
CA GLN E 20 -0.29 17.32 -17.12
C GLN E 20 -0.89 16.12 -17.82
N PHE E 21 -0.62 14.94 -17.25
CA PHE E 21 -1.25 13.67 -17.62
C PHE E 21 -2.23 13.33 -16.51
N ALA E 22 -3.50 13.65 -16.70
CA ALA E 22 -4.54 13.35 -15.72
C ALA E 22 -5.13 11.99 -16.04
N VAL E 23 -4.94 11.04 -15.12
CA VAL E 23 -5.40 9.67 -15.30
C VAL E 23 -6.66 9.46 -14.48
N PHE E 24 -7.71 8.95 -15.10
CA PHE E 24 -8.98 8.74 -14.46
C PHE E 24 -9.40 7.28 -14.57
N ARG E 25 -10.04 6.79 -13.51
CA ARG E 25 -10.60 5.46 -13.44
C ARG E 25 -12.11 5.55 -13.36
N ALA E 26 -12.80 4.77 -14.19
CA ALA E 26 -14.25 4.84 -14.25
C ALA E 26 -14.86 4.02 -13.11
N ILE E 27 -15.88 4.58 -12.48
CA ILE E 27 -16.62 3.91 -11.42
C ILE E 27 -17.69 3.04 -12.07
N PRO E 28 -17.64 1.72 -11.90
CA PRO E 28 -18.67 0.87 -12.49
C PRO E 28 -20.05 1.17 -11.93
N GLY E 29 -21.05 1.11 -12.80
CA GLY E 29 -22.42 1.35 -12.41
C GLY E 29 -22.82 2.79 -12.28
N ALA E 30 -21.93 3.73 -12.58
CA ALA E 30 -22.24 5.15 -12.43
C ALA E 30 -22.49 5.85 -13.75
N LEU E 31 -21.87 5.39 -14.84
CA LEU E 31 -22.03 6.05 -16.13
C LEU E 31 -23.37 5.75 -16.77
N GLY E 32 -23.95 4.58 -16.53
CA GLY E 32 -25.22 4.23 -17.11
C GLY E 32 -25.09 3.75 -18.54
N SER E 33 -26.26 3.55 -19.16
CA SER E 33 -26.32 3.03 -20.53
C SER E 33 -26.66 4.08 -21.57
N ASP E 34 -27.35 5.16 -21.18
CA ASP E 34 -27.65 6.26 -22.09
C ASP E 34 -26.55 7.31 -21.93
N ARG E 35 -25.76 7.51 -22.98
CA ARG E 35 -24.55 8.31 -22.89
C ARG E 35 -24.49 9.44 -23.91
N ALA E 36 -25.55 9.66 -24.67
CA ALA E 36 -25.52 10.72 -25.69
C ALA E 36 -25.36 12.09 -25.04
N GLU E 37 -26.12 12.36 -23.98
CA GLU E 37 -26.02 13.66 -23.32
C GLU E 37 -24.67 13.84 -22.64
N ILE E 38 -24.13 12.77 -22.06
CA ILE E 38 -22.81 12.84 -21.44
C ILE E 38 -21.75 13.14 -22.49
N VAL E 39 -21.85 12.49 -23.65
CA VAL E 39 -20.91 12.74 -24.73
C VAL E 39 -20.99 14.18 -25.19
N ALA E 40 -22.22 14.67 -25.37
CA ALA E 40 -22.41 16.04 -25.83
C ALA E 40 -21.83 17.04 -24.82
N GLN E 41 -22.08 16.81 -23.54
CA GLN E 41 -21.57 17.72 -22.51
C GLN E 41 -20.05 17.71 -22.45
N ALA E 42 -19.43 16.52 -22.52
CA ALA E 42 -17.98 16.46 -22.50
C ALA E 42 -17.37 17.13 -23.73
N GLN E 43 -17.98 16.91 -24.90
CA GLN E 43 -17.49 17.55 -26.11
C GLN E 43 -17.62 19.06 -26.03
N SER E 44 -18.72 19.54 -25.46
CA SER E 44 -18.89 20.98 -25.28
C SER E 44 -17.84 21.53 -24.33
N PHE E 45 -17.52 20.80 -23.26
CA PHE E 45 -16.48 21.23 -22.34
C PHE E 45 -15.14 21.36 -23.05
N PHE E 46 -14.78 20.35 -23.84
CA PHE E 46 -13.48 20.39 -24.51
C PHE E 46 -13.44 21.45 -25.59
N ASP E 47 -14.56 21.68 -26.28
CA ASP E 47 -14.63 22.76 -27.26
C ASP E 47 -14.48 24.12 -26.57
N GLY E 48 -15.08 24.28 -25.40
CA GLY E 48 -14.89 25.51 -24.65
C GLY E 48 -13.45 25.72 -24.22
N LEU E 49 -12.80 24.64 -23.79
CA LEU E 49 -11.38 24.72 -23.46
C LEU E 49 -10.56 25.17 -24.66
N GLU E 50 -10.84 24.59 -25.82
CA GLU E 50 -10.09 24.95 -27.03
C GLU E 50 -10.36 26.41 -27.42
N THR E 51 -11.61 26.85 -27.30
CA THR E 51 -11.94 28.22 -27.66
C THR E 51 -11.30 29.24 -26.72
N ALA E 52 -11.25 28.94 -25.43
CA ALA E 52 -10.69 29.90 -24.47
C ALA E 52 -9.22 30.20 -24.76
N GLY E 53 -8.48 29.23 -25.30
CA GLY E 53 -7.13 29.44 -25.74
C GLY E 53 -6.06 29.38 -24.68
N LYS E 54 -6.41 29.02 -23.44
CA LYS E 54 -5.44 28.94 -22.36
C LYS E 54 -4.86 27.55 -22.19
N VAL E 55 -5.70 26.52 -22.18
CA VAL E 55 -5.27 25.14 -22.00
C VAL E 55 -5.42 24.41 -23.32
N GLU E 56 -4.34 23.77 -23.78
CA GLU E 56 -4.34 23.01 -25.02
C GLU E 56 -4.37 21.54 -24.67
N VAL E 57 -5.48 20.88 -24.98
CA VAL E 57 -5.61 19.44 -24.74
C VAL E 57 -4.84 18.73 -25.84
N ARG E 58 -3.66 18.20 -25.49
CA ARG E 58 -2.83 17.55 -26.50
C ARG E 58 -3.44 16.22 -26.93
N GLY E 59 -4.03 15.48 -26.00
CA GLY E 59 -4.59 14.20 -26.38
C GLY E 59 -5.54 13.64 -25.33
N ILE E 60 -6.41 12.76 -25.79
CA ILE E 60 -7.25 11.94 -24.93
C ILE E 60 -6.97 10.48 -25.28
N TYR E 61 -6.68 9.68 -24.27
CA TYR E 61 -6.16 8.34 -24.46
C TYR E 61 -7.00 7.33 -23.72
N ASP E 62 -7.37 6.25 -24.41
CA ASP E 62 -8.02 5.10 -23.79
C ASP E 62 -6.95 4.20 -23.20
N LEU E 63 -7.09 3.90 -21.90
CA LEU E 63 -6.13 3.09 -21.16
C LEU E 63 -6.68 1.73 -20.78
N ALA E 64 -7.78 1.31 -21.39
CA ALA E 64 -8.41 0.04 -21.04
C ALA E 64 -7.46 -1.12 -21.33
N GLY E 65 -7.32 -2.02 -20.37
CA GLY E 65 -6.47 -3.18 -20.53
C GLY E 65 -5.02 -2.97 -20.14
N CYS E 66 -4.61 -1.75 -19.82
CA CYS E 66 -3.22 -1.50 -19.43
C CYS E 66 -2.97 -1.89 -17.99
N ARG E 67 -3.81 -1.44 -17.07
CA ARG E 67 -3.65 -1.73 -15.66
C ARG E 67 -5.01 -1.68 -14.98
N ALA E 68 -5.04 -2.15 -13.74
CA ALA E 68 -6.32 -2.35 -13.06
C ALA E 68 -6.96 -1.03 -12.62
N GLU E 69 -6.17 -0.02 -12.30
CA GLU E 69 -6.67 1.18 -11.64
C GLU E 69 -6.80 2.39 -12.56
N ALA E 70 -6.73 2.19 -13.87
CA ALA E 70 -6.79 3.30 -14.81
C ALA E 70 -7.75 2.97 -15.95
N ASP E 71 -8.44 3.99 -16.42
CA ASP E 71 -9.37 3.79 -17.53
C ASP E 71 -9.14 4.76 -18.69
N PHE E 72 -8.76 6.00 -18.42
CA PHE E 72 -8.42 6.89 -19.53
C PHE E 72 -7.51 8.00 -19.01
N MET E 73 -7.01 8.80 -19.96
CA MET E 73 -6.01 9.82 -19.66
C MET E 73 -6.29 11.05 -20.51
N ILE E 74 -6.08 12.22 -19.92
CA ILE E 74 -6.12 13.49 -20.63
C ILE E 74 -4.75 14.13 -20.50
N TRP E 75 -4.11 14.40 -21.64
CA TRP E 75 -2.82 15.07 -21.67
C TRP E 75 -3.06 16.48 -22.17
N TRP E 76 -2.84 17.46 -21.29
CA TRP E 76 -3.05 18.85 -21.65
C TRP E 76 -1.93 19.73 -21.13
N ILE E 77 -1.67 20.82 -21.85
CA ILE E 77 -0.54 21.70 -21.62
C ILE E 77 -1.03 23.14 -21.58
N ALA E 78 -0.53 23.92 -20.62
CA ALA E 78 -0.91 25.31 -20.50
C ALA E 78 0.29 26.14 -20.05
N GLU E 79 0.25 27.44 -20.36
CA GLU E 79 1.36 28.31 -20.01
C GLU E 79 1.52 28.47 -18.50
N GLU E 80 0.41 28.60 -17.78
CA GLU E 80 0.43 28.75 -16.34
C GLU E 80 -0.21 27.53 -15.68
N PHE E 81 0.26 27.20 -14.47
CA PHE E 81 -0.26 26.02 -13.79
C PHE E 81 -1.66 26.26 -13.23
N GLU E 82 -1.99 27.50 -12.88
CA GLU E 82 -3.33 27.77 -12.38
C GLU E 82 -4.38 27.51 -13.45
N GLU E 83 -4.04 27.71 -14.72
CA GLU E 83 -4.97 27.38 -15.80
C GLU E 83 -5.23 25.88 -15.86
N ILE E 84 -4.18 25.07 -15.68
CA ILE E 84 -4.37 23.62 -15.62
C ILE E 84 -5.21 23.24 -14.42
N GLN E 85 -4.98 23.89 -13.26
CA GLN E 85 -5.79 23.62 -12.09
C GLN E 85 -7.26 23.93 -12.36
N ALA E 86 -7.53 25.08 -12.98
CA ALA E 86 -8.90 25.48 -13.26
C ALA E 86 -9.57 24.50 -14.22
N ALA E 87 -8.84 24.09 -15.27
CA ALA E 87 -9.41 23.13 -16.22
C ALA E 87 -9.68 21.79 -15.57
N PHE E 88 -8.75 21.31 -14.73
CA PHE E 88 -8.92 20.03 -14.07
C PHE E 88 -10.11 20.05 -13.10
N ALA E 89 -10.19 21.09 -12.28
CA ALA E 89 -11.31 21.22 -11.35
C ALA E 89 -12.63 21.35 -12.09
N ARG E 90 -12.65 22.12 -13.18
N ARG E 90 -12.64 22.12 -13.18
N ARG E 90 -12.64 22.12 -13.18
CA ARG E 90 -13.88 22.28 -13.96
CA ARG E 90 -13.87 22.28 -13.97
CA ARG E 90 -13.87 22.28 -13.96
C ARG E 90 -14.30 20.96 -14.60
C ARG E 90 -14.29 20.96 -14.60
C ARG E 90 -14.29 20.96 -14.60
N PHE E 91 -13.33 20.17 -15.07
CA PHE E 91 -13.67 18.86 -15.62
C PHE E 91 -14.28 17.97 -14.56
N ARG E 92 -13.71 17.99 -13.35
CA ARG E 92 -14.25 17.15 -12.29
C ARG E 92 -15.57 17.68 -11.74
N ARG E 93 -15.87 18.95 -11.95
CA ARG E 93 -17.04 19.57 -11.33
C ARG E 93 -18.24 19.68 -12.25
N GLU E 94 -18.07 20.18 -13.46
CA GLU E 94 -19.18 20.60 -14.30
C GLU E 94 -19.47 19.64 -15.45
N THR E 95 -18.88 18.45 -15.45
CA THR E 95 -19.17 17.46 -16.47
C THR E 95 -19.56 16.15 -15.80
N VAL E 96 -20.53 15.46 -16.38
CA VAL E 96 -20.95 14.16 -15.84
C VAL E 96 -19.82 13.15 -15.95
N LEU E 97 -19.03 13.24 -17.04
CA LEU E 97 -17.90 12.34 -17.20
C LEU E 97 -16.89 12.49 -16.07
N GLY E 98 -16.62 13.73 -15.66
CA GLY E 98 -15.70 13.93 -14.56
C GLY E 98 -16.30 13.62 -13.21
N GLN E 99 -17.63 13.68 -13.10
CA GLN E 99 -18.30 13.39 -11.84
C GLN E 99 -18.41 11.90 -11.55
N VAL E 100 -18.34 11.06 -12.57
CA VAL E 100 -18.47 9.61 -12.40
C VAL E 100 -17.11 8.91 -12.52
N SER E 101 -16.02 9.66 -12.36
CA SER E 101 -14.68 9.12 -12.46
C SER E 101 -13.87 9.53 -11.24
N GLU E 102 -12.91 8.69 -10.87
CA GLU E 102 -11.97 9.01 -9.79
C GLU E 102 -10.61 9.30 -10.37
N VAL E 103 -9.90 10.26 -9.77
CA VAL E 103 -8.55 10.55 -10.21
C VAL E 103 -7.62 9.46 -9.67
N ALA E 104 -6.94 8.76 -10.57
CA ALA E 104 -6.06 7.68 -10.19
C ALA E 104 -4.61 8.12 -10.07
N TRP E 105 -4.17 9.04 -10.93
CA TRP E 105 -2.78 9.46 -10.92
C TRP E 105 -2.68 10.77 -11.70
N LEU E 106 -1.82 11.67 -11.22
CA LEU E 106 -1.58 12.95 -11.86
C LEU E 106 -0.09 13.12 -12.07
N GLY E 107 0.31 13.26 -13.34
CA GLY E 107 1.70 13.50 -13.66
C GLY E 107 1.93 14.89 -14.19
N ASN E 108 2.57 15.74 -13.39
CA ASN E 108 2.78 17.13 -13.73
C ASN E 108 4.25 17.37 -14.04
N SER E 109 4.49 18.27 -14.99
CA SER E 109 5.86 18.61 -15.36
C SER E 109 5.88 20.03 -15.91
N LEU E 110 7.07 20.62 -15.87
CA LEU E 110 7.28 21.98 -16.36
C LEU E 110 8.45 21.99 -17.32
N HIS E 111 8.23 22.52 -18.52
CA HIS E 111 9.28 22.64 -19.53
C HIS E 111 9.80 24.07 -19.52
N ARG E 112 11.06 24.22 -19.25
CA ARG E 112 11.58 25.58 -19.25
C ARG E 112 12.53 25.79 -20.42
N PRO E 113 12.63 27.03 -20.92
CA PRO E 113 13.57 27.38 -22.00
C PRO E 113 15.01 27.02 -21.67
N SER E 119 19.37 22.08 -26.86
CA SER E 119 19.76 20.80 -27.42
C SER E 119 18.57 20.10 -28.06
N HIS E 120 18.09 19.04 -27.41
CA HIS E 120 16.94 18.28 -27.87
C HIS E 120 15.74 18.62 -26.98
N LEU E 121 14.61 18.94 -27.61
CA LEU E 121 13.45 19.44 -26.92
C LEU E 121 12.30 18.44 -26.98
N PRO E 122 11.33 18.54 -26.05
CA PRO E 122 10.21 17.61 -26.07
C PRO E 122 9.40 17.69 -27.35
N SER E 123 8.79 16.56 -27.72
CA SER E 123 8.04 16.50 -28.97
C SER E 123 6.88 17.48 -28.99
N PHE E 124 6.18 17.63 -27.87
CA PHE E 124 5.04 18.54 -27.83
C PHE E 124 5.47 20.00 -27.91
N ILE E 125 6.74 20.31 -27.65
CA ILE E 125 7.22 21.67 -27.85
C ILE E 125 7.32 21.98 -29.35
N MET E 126 7.84 21.03 -30.13
CA MET E 126 7.87 21.18 -31.59
C MET E 126 6.47 21.26 -32.20
N GLY E 127 5.45 20.77 -31.51
CA GLY E 127 4.13 20.72 -32.09
C GLY E 127 3.93 19.60 -33.08
N GLU E 128 4.69 18.51 -32.93
CA GLU E 128 4.56 17.37 -33.82
C GLU E 128 3.20 16.72 -33.67
N ILE E 129 2.75 16.07 -34.74
CA ILE E 129 1.45 15.37 -34.69
C ILE E 129 1.54 14.23 -33.69
N PRO E 130 0.63 14.14 -32.72
CA PRO E 130 0.73 13.07 -31.72
C PRO E 130 0.57 11.70 -32.33
N GLY E 131 1.29 10.73 -31.77
CA GLY E 131 1.22 9.38 -32.26
C GLY E 131 -0.06 8.68 -31.84
N ASP E 132 -0.35 7.58 -32.52
CA ASP E 132 -1.54 6.81 -32.22
C ASP E 132 -1.47 6.20 -30.83
N TRP E 133 -0.29 5.73 -30.42
CA TRP E 133 -0.11 5.09 -29.14
C TRP E 133 0.86 5.90 -28.28
N ILE E 134 0.60 5.92 -26.98
CA ILE E 134 1.46 6.61 -26.03
C ILE E 134 1.74 5.70 -24.84
N THR E 135 2.90 5.91 -24.23
CA THR E 135 3.22 5.37 -22.91
C THR E 135 3.78 6.50 -22.07
N VAL E 136 3.43 6.52 -20.79
CA VAL E 136 3.79 7.61 -19.90
C VAL E 136 4.21 7.03 -18.56
N TYR E 137 5.33 7.51 -18.02
CA TYR E 137 5.71 7.08 -16.69
C TYR E 137 6.56 8.14 -16.01
N PRO E 138 6.50 8.23 -14.68
CA PRO E 138 7.43 9.08 -13.95
C PRO E 138 8.78 8.40 -13.77
N PHE E 139 9.78 9.22 -13.46
CA PHE E 139 11.16 8.76 -13.41
C PHE E 139 11.89 9.46 -12.29
N VAL E 140 12.61 8.68 -11.48
CA VAL E 140 13.40 9.21 -10.36
C VAL E 140 14.79 8.64 -10.48
N ARG E 141 15.80 9.50 -10.55
CA ARG E 141 17.17 9.08 -10.66
C ARG E 141 17.72 8.69 -9.29
N SER E 142 18.91 8.07 -9.31
CA SER E 142 19.57 7.71 -8.07
C SER E 142 20.06 8.97 -7.35
N TYR E 143 20.38 8.81 -6.06
CA TYR E 143 20.73 9.96 -5.24
C TYR E 143 22.03 10.60 -5.70
N ASP E 144 22.96 9.83 -6.22
CA ASP E 144 24.27 10.33 -6.63
C ASP E 144 24.32 10.69 -8.11
N TRP E 145 23.20 10.66 -8.81
CA TRP E 145 23.21 10.91 -10.25
C TRP E 145 23.63 12.35 -10.56
N TYR E 146 23.12 13.31 -9.79
CA TYR E 146 23.35 14.71 -10.13
C TYR E 146 24.70 15.23 -9.66
N ILE E 147 25.24 14.67 -8.58
CA ILE E 147 26.58 15.07 -8.13
C ILE E 147 27.68 14.22 -8.75
N MET E 148 27.33 13.32 -9.65
CA MET E 148 28.32 12.55 -10.40
C MET E 148 29.13 13.48 -11.28
N ASP E 149 30.36 13.07 -11.58
CA ASP E 149 31.25 13.86 -12.42
C ASP E 149 30.55 14.19 -13.74
N PRO E 150 30.47 15.47 -14.12
CA PRO E 150 29.72 15.83 -15.33
C PRO E 150 30.21 15.13 -16.59
N GLN E 151 31.50 14.83 -16.66
CA GLN E 151 31.96 14.06 -17.85
C GLN E 151 31.23 12.72 -17.87
N LYS E 152 31.29 11.97 -16.77
CA LYS E 152 30.69 10.64 -16.75
C LYS E 152 29.20 10.70 -17.00
N ARG E 153 28.52 11.68 -16.39
CA ARG E 153 27.09 11.82 -16.61
C ARG E 153 26.77 12.13 -18.06
N ARG E 154 27.54 13.03 -18.69
CA ARG E 154 27.27 13.37 -20.08
C ARG E 154 27.57 12.19 -21.00
N LYS E 155 28.61 11.41 -20.69
CA LYS E 155 28.87 10.21 -21.47
C LYS E 155 27.73 9.20 -21.35
N ILE E 156 27.23 8.99 -20.14
CA ILE E 156 26.13 8.06 -19.93
C ILE E 156 24.88 8.52 -20.68
N LEU E 157 24.59 9.82 -20.60
CA LEU E 157 23.43 10.36 -21.32
C LEU E 157 23.62 10.26 -22.83
N ALA E 158 24.84 10.45 -23.32
CA ALA E 158 25.09 10.31 -24.75
C ALA E 158 24.85 8.88 -25.21
N GLU E 159 25.31 7.89 -24.44
CA GLU E 159 25.03 6.51 -24.79
C GLU E 159 23.53 6.22 -24.74
N HIS E 160 22.85 6.73 -23.72
CA HIS E 160 21.41 6.51 -23.59
C HIS E 160 20.66 7.10 -24.79
N GLY E 161 21.03 8.30 -25.21
CA GLY E 161 20.39 8.89 -26.38
C GLY E 161 20.73 8.16 -27.66
N GLN E 162 21.99 7.71 -27.78
CA GLN E 162 22.40 7.00 -28.99
C GLN E 162 21.68 5.67 -29.12
N ALA E 163 21.27 5.08 -27.99
CA ALA E 163 20.53 3.82 -28.04
C ALA E 163 19.18 3.96 -28.72
N ALA E 164 18.67 5.19 -28.89
CA ALA E 164 17.39 5.42 -29.52
C ALA E 164 17.53 5.90 -30.96
N ARG E 165 18.66 5.62 -31.60
CA ARG E 165 18.84 6.01 -32.99
C ARG E 165 18.05 5.15 -33.96
N ASP E 166 17.67 3.94 -33.54
CA ASP E 166 17.01 3.00 -34.47
C ASP E 166 15.48 3.11 -34.37
N PHE E 167 15.00 4.10 -33.62
CA PHE E 167 13.56 4.32 -33.46
C PHE E 167 13.25 5.78 -33.74
N PRO E 168 13.40 6.22 -35.00
CA PRO E 168 13.04 7.60 -35.33
C PRO E 168 11.55 7.85 -35.30
N ASP E 169 10.73 6.81 -35.36
CA ASP E 169 9.28 6.98 -35.34
C ASP E 169 8.69 7.07 -33.94
N VAL E 170 9.51 6.91 -32.91
CA VAL E 170 9.07 7.07 -31.52
C VAL E 170 9.57 8.40 -31.01
N ARG E 171 8.64 9.30 -30.68
CA ARG E 171 8.98 10.62 -30.17
C ARG E 171 8.97 10.59 -28.65
N ALA E 172 10.02 11.14 -28.05
CA ALA E 172 10.20 11.10 -26.61
C ALA E 172 10.11 12.49 -26.01
N ASN E 173 9.37 12.57 -24.90
CA ASN E 173 9.21 13.84 -24.14
C ASN E 173 9.74 13.61 -22.74
N THR E 174 10.85 14.26 -22.37
CA THR E 174 11.45 14.16 -21.04
C THR E 174 11.35 15.53 -20.40
N VAL E 175 10.47 15.67 -19.40
CA VAL E 175 10.22 16.99 -18.84
C VAL E 175 10.49 16.97 -17.33
N PRO E 176 11.18 17.97 -16.78
CA PRO E 176 11.41 18.00 -15.34
C PRO E 176 10.09 18.06 -14.56
N ALA E 177 10.06 17.37 -13.43
CA ALA E 177 8.85 17.27 -12.61
C ALA E 177 9.13 17.50 -11.13
N PHE E 178 10.18 18.23 -10.80
CA PHE E 178 10.52 18.48 -9.41
C PHE E 178 9.47 19.35 -8.75
N ALA E 179 9.09 18.99 -7.52
CA ALA E 179 8.18 19.72 -6.64
C ALA E 179 6.74 19.74 -7.14
N LEU E 180 6.44 19.12 -8.29
CA LEU E 180 5.07 19.01 -8.78
C LEU E 180 4.50 17.63 -8.53
N GLY E 181 5.06 16.91 -7.57
CA GLY E 181 4.67 15.56 -7.27
C GLY E 181 5.79 14.84 -6.56
N ASP E 182 5.70 13.51 -6.53
CA ASP E 182 6.67 12.68 -5.85
C ASP E 182 7.88 12.32 -6.70
N TYR E 183 7.95 12.84 -7.93
CA TYR E 183 8.90 12.37 -8.92
C TYR E 183 9.85 13.48 -9.33
N GLU E 184 10.74 13.14 -10.26
CA GLU E 184 11.73 14.08 -10.79
C GLU E 184 11.54 14.38 -12.26
N TRP E 185 11.21 13.39 -13.08
CA TRP E 185 11.00 13.58 -14.50
C TRP E 185 9.73 12.88 -14.94
N MET E 186 9.13 13.38 -16.00
CA MET E 186 8.01 12.74 -16.66
C MET E 186 8.46 12.34 -18.07
N LEU E 187 8.29 11.06 -18.41
CA LEU E 187 8.69 10.53 -19.69
C LEU E 187 7.48 10.05 -20.46
N ALA E 188 7.40 10.44 -21.73
CA ALA E 188 6.29 10.05 -22.59
C ALA E 188 6.82 9.65 -23.95
N PHE E 189 6.39 8.48 -24.42
CA PHE E 189 6.79 7.97 -25.73
C PHE E 189 5.57 7.84 -26.62
N GLU E 190 5.63 8.44 -27.80
CA GLU E 190 4.53 8.42 -28.77
C GLU E 190 4.99 7.69 -30.02
N ALA E 191 4.19 6.75 -30.50
CA ALA E 191 4.56 5.99 -31.67
C ALA E 191 3.30 5.65 -32.45
N PRO E 192 3.42 5.44 -33.77
CA PRO E 192 2.28 4.90 -34.53
C PRO E 192 1.94 3.48 -34.13
N ARG E 193 2.91 2.70 -33.66
CA ARG E 193 2.70 1.32 -33.29
C ARG E 193 3.19 1.08 -31.87
N LEU E 194 2.47 0.24 -31.13
CA LEU E 194 2.84 -0.04 -29.74
C LEU E 194 4.06 -0.93 -29.66
N ASP E 195 4.23 -1.84 -30.62
CA ASP E 195 5.39 -2.72 -30.61
C ASP E 195 6.69 -1.93 -30.75
N ARG E 196 6.65 -0.80 -31.44
CA ARG E 196 7.83 0.06 -31.51
C ARG E 196 8.21 0.59 -30.14
N ILE E 197 7.21 1.00 -29.35
CA ILE E 197 7.48 1.46 -27.99
C ILE E 197 8.04 0.32 -27.15
N VAL E 198 7.48 -0.87 -27.28
CA VAL E 198 7.96 -2.02 -26.51
C VAL E 198 9.41 -2.32 -26.85
N ASP E 199 9.72 -2.35 -28.15
CA ASP E 199 11.09 -2.60 -28.58
C ASP E 199 12.04 -1.51 -28.12
N LEU E 200 11.59 -0.26 -28.15
CA LEU E 200 12.43 0.83 -27.68
C LEU E 200 12.76 0.68 -26.21
N MET E 201 11.76 0.37 -25.39
CA MET E 201 12.01 0.19 -23.96
C MET E 201 12.97 -0.98 -23.73
N HIS E 202 12.76 -2.08 -24.45
CA HIS E 202 13.63 -3.24 -24.31
C HIS E 202 15.07 -2.90 -24.67
N LYS E 203 15.26 -2.09 -25.71
CA LYS E 203 16.63 -1.72 -26.15
C LYS E 203 17.23 -0.73 -25.15
N MET E 204 16.43 0.19 -24.61
CA MET E 204 16.95 1.11 -23.60
C MET E 204 17.33 0.39 -22.32
N ARG E 205 16.81 -0.81 -22.09
CA ARG E 205 17.31 -1.60 -20.96
C ARG E 205 18.80 -1.90 -21.07
N TYR E 206 19.37 -1.87 -22.27
CA TYR E 206 20.78 -2.21 -22.49
C TYR E 206 21.68 -0.99 -22.44
N THR E 207 21.58 -0.20 -21.37
CA THR E 207 22.36 1.02 -21.25
C THR E 207 22.87 1.16 -19.83
N GLU E 208 23.98 1.88 -19.68
CA GLU E 208 24.57 2.08 -18.36
C GLU E 208 23.70 2.95 -17.47
N ALA E 209 22.86 3.79 -18.05
CA ALA E 209 21.98 4.64 -17.26
C ALA E 209 21.05 3.81 -16.38
N ARG E 210 20.80 2.56 -16.75
CA ARG E 210 19.97 1.68 -15.93
C ARG E 210 20.56 1.50 -14.53
N LEU E 211 21.85 1.74 -14.35
CA LEU E 211 22.47 1.63 -13.04
C LEU E 211 22.15 2.82 -12.13
N HIS E 212 21.47 3.84 -12.64
CA HIS E 212 21.19 5.05 -11.87
C HIS E 212 19.69 5.35 -11.89
N VAL E 213 18.88 4.33 -11.62
CA VAL E 213 17.43 4.45 -11.63
C VAL E 213 16.89 4.03 -10.27
N ARG E 214 16.01 4.84 -9.70
CA ARG E 214 15.34 4.52 -8.45
C ARG E 214 13.87 4.16 -8.63
N GLU E 215 13.11 5.00 -9.31
CA GLU E 215 11.69 4.78 -9.51
C GLU E 215 11.33 5.03 -10.96
N GLU E 216 10.54 4.11 -11.54
CA GLU E 216 10.06 4.29 -12.91
C GLU E 216 8.62 3.86 -13.08
N THR E 217 7.90 3.56 -12.02
CA THR E 217 6.52 3.11 -12.06
C THR E 217 5.61 4.15 -11.44
N PRO E 218 4.31 4.15 -11.79
CA PRO E 218 3.58 3.24 -12.69
C PRO E 218 3.65 3.62 -14.16
N PHE E 219 3.40 2.65 -15.03
CA PHE E 219 3.32 2.90 -16.46
C PHE E 219 1.86 3.08 -16.88
N PHE E 220 1.62 3.95 -17.85
CA PHE E 220 0.30 4.17 -18.41
C PHE E 220 0.40 4.11 -19.92
N THR E 221 -0.13 3.05 -20.51
CA THR E 221 -0.07 2.82 -21.96
C THR E 221 -1.47 2.96 -22.54
N GLY E 222 -1.61 3.77 -23.58
CA GLY E 222 -2.93 4.04 -24.11
C GLY E 222 -2.95 4.36 -25.57
N ARG E 223 -4.16 4.34 -26.12
CA ARG E 223 -4.41 4.61 -27.53
C ARG E 223 -5.13 5.94 -27.68
N ARG E 224 -4.62 6.79 -28.57
CA ARG E 224 -5.20 8.10 -28.74
C ARG E 224 -6.55 8.00 -29.47
N VAL E 225 -7.57 8.64 -28.92
CA VAL E 225 -8.89 8.65 -29.52
C VAL E 225 -9.10 9.98 -30.23
N SER E 226 -9.88 9.96 -31.31
CA SER E 226 -10.09 11.17 -32.08
C SER E 226 -11.03 12.13 -31.38
N GLU E 227 -12.07 11.62 -30.74
CA GLU E 227 -13.06 12.45 -30.06
C GLU E 227 -13.49 11.76 -28.77
N VAL E 228 -14.05 12.56 -27.86
CA VAL E 228 -14.44 12.03 -26.55
C VAL E 228 -15.57 11.01 -26.65
N SER E 229 -16.34 11.03 -27.73
CA SER E 229 -17.41 10.05 -27.90
C SER E 229 -16.84 8.63 -27.97
N GLU E 230 -15.75 8.46 -28.71
CA GLU E 230 -15.10 7.17 -28.83
C GLU E 230 -14.65 6.65 -27.47
N LEU E 231 -14.19 7.55 -26.60
CA LEU E 231 -13.79 7.13 -25.26
C LEU E 231 -14.98 6.79 -24.39
N VAL E 232 -16.02 7.63 -24.42
CA VAL E 232 -17.16 7.43 -23.53
C VAL E 232 -17.92 6.17 -23.89
N ASN E 233 -18.00 5.84 -25.18
CA ASN E 233 -18.80 4.70 -25.60
C ASN E 233 -18.20 3.36 -25.20
N VAL E 234 -16.96 3.32 -24.70
CA VAL E 234 -16.34 2.06 -24.31
C VAL E 234 -16.15 1.93 -22.81
N LEU E 235 -16.34 3.01 -22.04
CA LEU E 235 -16.17 2.92 -20.60
C LEU E 235 -17.20 1.99 -19.99
N PRO E 236 -16.86 1.26 -18.93
CA PRO E 236 -17.83 0.36 -18.31
C PRO E 236 -19.00 1.14 -17.74
N GLY E 237 -20.19 0.54 -17.85
CA GLY E 237 -21.41 1.19 -17.41
C GLY E 237 -21.46 1.47 -15.92
#